data_1FDV
#
_entry.id   1FDV
#
_cell.length_a   115.120
_cell.length_b   79.110
_cell.length_c   120.470
_cell.angle_alpha   90.00
_cell.angle_beta   91.93
_cell.angle_gamma   90.00
#
_symmetry.space_group_name_H-M   'P 1 21 1'
#
loop_
_entity.id
_entity.type
_entity.pdbx_description
1 polymer '17-BETA-HYDROXYSTEROID DEHYDROGENASE'
2 non-polymer 'SULFATE ION'
3 non-polymer NICOTINAMIDE-ADENINE-DINUCLEOTIDE
4 water water
#
_entity_poly.entity_id   1
_entity_poly.type   'polypeptide(L)'
_entity_poly.pdbx_seq_one_letter_code
;ARTVVLITGCSSGIGLHLAVRLASDPSQSFKVYATLRDLKTQGRLWEAARALACPPGSLETLQLDVRDSKSVAAARERVT
EGRVDVLVCNAGLGLLGPLEALGEDAVASVLDVNVVGTVRMLQAFLPDMKRRGSGRVLVTGSVGGLMGLPFNDVYCASKF
ALEGLCESLAVLLLPFGVHLSLIECGPVHTAFMEKVLGSPEEVLDRTDIHTFHRFYQYLALSKQVFREAAQNPEEVAEVF
LTALRAPKPTLRYFTTERFLPLLRMRLDDPSGSNYVTAMHREVFGDVPAKAEAGAEAGGGRGPGAEDEAGRSAVGDPELG
DPPAAPQ
;
_entity_poly.pdbx_strand_id   A,B,C,D
#
loop_
_chem_comp.id
_chem_comp.type
_chem_comp.name
_chem_comp.formula
NAD non-polymer NICOTINAMIDE-ADENINE-DINUCLEOTIDE 'C21 H27 N7 O14 P2'
SO4 non-polymer 'SULFATE ION' 'O4 S -2'
#
# COMPACT_ATOMS: atom_id res chain seq x y z
N ALA A 1 -6.70 -28.01 -43.68
CA ALA A 1 -7.00 -29.37 -43.14
C ALA A 1 -8.48 -29.73 -42.99
N ARG A 2 -9.00 -30.38 -41.94
CA ARG A 2 -10.42 -30.70 -41.95
C ARG A 2 -11.28 -30.31 -40.78
N THR A 3 -10.90 -30.38 -39.51
CA THR A 3 -11.83 -29.89 -38.47
C THR A 3 -11.58 -28.38 -38.44
N VAL A 4 -12.58 -27.57 -38.65
CA VAL A 4 -12.46 -26.12 -38.63
C VAL A 4 -12.61 -25.44 -37.28
N VAL A 5 -11.48 -25.14 -36.59
CA VAL A 5 -11.59 -24.50 -35.29
C VAL A 5 -11.40 -23.00 -35.39
N LEU A 6 -12.16 -22.25 -34.63
CA LEU A 6 -12.09 -20.80 -34.54
C LEU A 6 -11.87 -20.37 -33.09
N ILE A 7 -10.75 -19.67 -32.85
CA ILE A 7 -10.54 -19.16 -31.52
C ILE A 7 -10.43 -17.65 -31.45
N THR A 8 -11.07 -17.07 -30.44
CA THR A 8 -11.09 -15.66 -30.11
C THR A 8 -9.98 -15.42 -29.06
N GLY A 9 -9.30 -14.26 -29.15
CA GLY A 9 -8.26 -13.88 -28.22
C GLY A 9 -6.93 -14.60 -28.38
N CYS A 10 -6.24 -14.39 -29.50
CA CYS A 10 -4.99 -15.02 -29.76
C CYS A 10 -3.73 -14.26 -29.93
N SER A 11 -3.40 -13.09 -29.42
CA SER A 11 -2.03 -12.56 -29.61
C SER A 11 -1.08 -13.03 -28.52
N SER A 12 -1.60 -13.76 -27.56
CA SER A 12 -0.89 -14.25 -26.40
C SER A 12 -1.64 -15.30 -25.58
N GLY A 13 -0.96 -15.97 -24.66
CA GLY A 13 -1.59 -16.88 -23.74
C GLY A 13 -2.32 -18.07 -24.30
N ILE A 14 -3.36 -18.52 -23.59
CA ILE A 14 -4.20 -19.64 -23.93
C ILE A 14 -4.62 -19.58 -25.40
N GLY A 15 -5.16 -18.48 -25.90
CA GLY A 15 -5.50 -18.41 -27.31
C GLY A 15 -4.31 -18.76 -28.19
N LEU A 16 -3.24 -17.98 -28.18
CA LEU A 16 -2.04 -18.26 -28.96
C LEU A 16 -1.71 -19.75 -28.89
N HIS A 17 -1.27 -20.20 -27.72
CA HIS A 17 -0.98 -21.61 -27.52
C HIS A 17 -2.07 -22.55 -28.00
N LEU A 18 -3.30 -22.50 -27.51
CA LEU A 18 -4.31 -23.38 -28.06
C LEU A 18 -4.22 -23.31 -29.59
N ALA A 19 -4.17 -22.16 -30.22
CA ALA A 19 -4.08 -22.08 -31.66
C ALA A 19 -2.97 -22.88 -32.33
N VAL A 20 -1.73 -22.49 -32.10
CA VAL A 20 -0.60 -23.20 -32.67
C VAL A 20 -0.48 -24.62 -32.21
N ARG A 21 -1.06 -25.08 -31.09
CA ARG A 21 -0.95 -26.52 -30.78
C ARG A 21 -1.68 -27.27 -31.91
N LEU A 22 -2.94 -26.94 -32.04
CA LEU A 22 -3.84 -27.42 -33.06
C LEU A 22 -3.25 -27.19 -34.45
N ALA A 23 -2.87 -25.96 -34.87
CA ALA A 23 -2.36 -25.88 -36.25
C ALA A 23 -1.20 -26.83 -36.39
N SER A 24 -0.38 -27.04 -35.37
CA SER A 24 0.79 -27.93 -35.52
C SER A 24 0.53 -29.41 -35.36
N ASP A 25 -0.54 -29.80 -34.68
CA ASP A 25 -0.90 -31.17 -34.45
C ASP A 25 -0.49 -32.04 -35.66
N PRO A 26 0.21 -33.12 -35.35
CA PRO A 26 0.75 -34.05 -36.32
C PRO A 26 -0.25 -34.72 -37.24
N SER A 27 -1.45 -35.08 -36.73
CA SER A 27 -2.45 -35.73 -37.57
C SER A 27 -3.06 -34.79 -38.59
N GLN A 28 -2.54 -33.59 -38.75
CA GLN A 28 -2.97 -32.55 -39.64
C GLN A 28 -4.47 -32.42 -39.77
N SER A 29 -5.19 -32.57 -38.66
CA SER A 29 -6.61 -32.60 -38.61
C SER A 29 -7.44 -31.37 -38.79
N PHE A 30 -7.13 -30.31 -38.06
CA PHE A 30 -7.90 -29.08 -38.04
C PHE A 30 -7.25 -27.96 -38.85
N LYS A 31 -8.08 -27.01 -39.22
CA LYS A 31 -7.61 -25.78 -39.84
C LYS A 31 -8.02 -24.75 -38.78
N VAL A 32 -7.04 -23.99 -38.33
CA VAL A 32 -7.28 -23.07 -37.24
C VAL A 32 -7.40 -21.61 -37.62
N TYR A 33 -8.52 -20.98 -37.28
CA TYR A 33 -8.76 -19.57 -37.52
C TYR A 33 -8.48 -18.85 -36.18
N ALA A 34 -7.24 -18.39 -36.06
CA ALA A 34 -6.73 -17.66 -34.90
C ALA A 34 -7.21 -16.22 -35.06
N THR A 35 -8.19 -15.82 -34.23
CA THR A 35 -8.63 -14.43 -34.43
C THR A 35 -8.09 -13.59 -33.27
N LEU A 36 -7.72 -12.37 -33.65
CA LEU A 36 -7.13 -11.45 -32.70
C LEU A 36 -8.01 -10.20 -32.72
N ARG A 37 -8.05 -9.48 -31.61
CA ARG A 37 -8.85 -8.28 -31.51
C ARG A 37 -8.21 -7.28 -32.49
N ASP A 38 -6.89 -7.16 -32.33
CA ASP A 38 -6.30 -6.23 -33.29
C ASP A 38 -5.18 -6.86 -34.03
N LEU A 39 -5.43 -7.20 -35.28
CA LEU A 39 -4.46 -7.82 -36.17
C LEU A 39 -3.07 -7.26 -36.13
N LYS A 40 -2.75 -6.08 -35.71
CA LYS A 40 -1.39 -5.59 -35.66
C LYS A 40 -0.46 -6.24 -34.67
N THR A 41 -1.01 -6.96 -33.71
CA THR A 41 -0.37 -7.65 -32.63
C THR A 41 -0.09 -9.11 -32.80
N GLN A 42 -0.11 -9.65 -34.03
CA GLN A 42 0.00 -11.00 -34.45
C GLN A 42 1.33 -11.63 -34.70
N GLY A 43 2.39 -10.85 -34.67
CA GLY A 43 3.73 -11.40 -34.91
C GLY A 43 4.00 -12.57 -33.98
N ARG A 44 3.69 -12.43 -32.68
CA ARG A 44 3.89 -13.51 -31.72
C ARG A 44 3.20 -14.79 -32.16
N LEU A 45 1.90 -14.77 -32.48
CA LEU A 45 1.28 -16.00 -33.01
C LEU A 45 2.14 -16.48 -34.18
N TRP A 46 2.42 -15.66 -35.19
CA TRP A 46 3.19 -16.15 -36.33
C TRP A 46 4.48 -16.84 -36.03
N GLU A 47 5.34 -16.32 -35.16
CA GLU A 47 6.60 -17.01 -34.84
C GLU A 47 6.34 -18.33 -34.09
N ALA A 48 5.35 -18.24 -33.19
CA ALA A 48 4.91 -19.37 -32.43
C ALA A 48 4.70 -20.49 -33.47
N ALA A 49 3.84 -20.17 -34.42
CA ALA A 49 3.44 -21.07 -35.49
C ALA A 49 4.59 -21.68 -36.27
N ARG A 50 5.54 -20.81 -36.57
CA ARG A 50 6.76 -21.20 -37.28
C ARG A 50 7.62 -22.01 -36.31
N ALA A 51 7.68 -21.47 -35.10
CA ALA A 51 8.44 -22.24 -34.11
C ALA A 51 7.96 -23.65 -34.03
N LEU A 52 6.70 -24.00 -34.22
CA LEU A 52 6.27 -25.39 -34.16
C LEU A 52 5.98 -25.89 -35.56
N ALA A 53 6.21 -25.04 -36.54
CA ALA A 53 6.08 -25.38 -37.94
C ALA A 53 4.72 -25.87 -38.36
N CYS A 54 3.74 -25.04 -38.09
CA CYS A 54 2.38 -25.41 -38.53
C CYS A 54 2.50 -25.43 -40.04
N PRO A 55 2.17 -26.52 -40.67
CA PRO A 55 2.22 -26.64 -42.13
C PRO A 55 1.43 -25.48 -42.69
N PRO A 56 1.78 -24.92 -43.81
CA PRO A 56 1.11 -23.82 -44.49
C PRO A 56 -0.39 -24.03 -44.69
N GLY A 57 -1.25 -23.08 -44.33
CA GLY A 57 -2.66 -23.30 -44.56
C GLY A 57 -3.33 -23.94 -43.39
N SER A 58 -2.59 -24.22 -42.30
CA SER A 58 -3.30 -24.86 -41.16
C SER A 58 -3.80 -23.77 -40.22
N LEU A 59 -3.42 -22.57 -40.55
CA LEU A 59 -3.77 -21.44 -39.71
C LEU A 59 -3.85 -20.14 -40.49
N GLU A 60 -4.90 -19.41 -40.25
CA GLU A 60 -5.24 -18.13 -40.80
C GLU A 60 -5.62 -17.24 -39.58
N THR A 61 -5.21 -15.99 -39.55
CA THR A 61 -5.72 -15.15 -38.47
C THR A 61 -6.84 -14.27 -39.01
N LEU A 62 -7.63 -13.64 -38.17
CA LEU A 62 -8.71 -12.73 -38.64
C LEU A 62 -8.81 -11.61 -37.57
N GLN A 63 -9.49 -10.50 -37.85
CA GLN A 63 -9.70 -9.52 -36.77
C GLN A 63 -11.09 -9.81 -36.18
N LEU A 64 -11.19 -10.07 -34.89
CA LEU A 64 -12.40 -10.31 -34.16
C LEU A 64 -12.32 -9.56 -32.82
N ASP A 65 -13.12 -8.52 -32.71
CA ASP A 65 -13.23 -7.75 -31.47
C ASP A 65 -14.58 -8.18 -30.88
N VAL A 66 -14.51 -9.00 -29.81
CA VAL A 66 -15.80 -9.46 -29.25
C VAL A 66 -16.68 -8.33 -28.82
N ARG A 67 -16.12 -7.14 -28.63
CA ARG A 67 -16.93 -5.99 -28.32
C ARG A 67 -17.80 -5.61 -29.53
N ASP A 68 -17.28 -5.84 -30.72
CA ASP A 68 -17.93 -5.43 -31.96
C ASP A 68 -18.77 -6.44 -32.65
N SER A 69 -20.11 -6.30 -32.46
CA SER A 69 -20.94 -7.28 -33.14
C SER A 69 -20.84 -7.35 -34.64
N LYS A 70 -20.31 -6.33 -35.31
CA LYS A 70 -20.14 -6.40 -36.77
C LYS A 70 -18.81 -7.12 -36.98
N SER A 71 -17.89 -6.74 -36.08
CA SER A 71 -16.60 -7.39 -36.17
C SER A 71 -16.78 -8.89 -36.14
N VAL A 72 -17.71 -9.39 -35.32
CA VAL A 72 -17.97 -10.84 -35.24
C VAL A 72 -18.54 -11.37 -36.55
N ALA A 73 -19.60 -10.65 -36.94
CA ALA A 73 -20.32 -10.98 -38.19
C ALA A 73 -19.25 -11.05 -39.27
N ALA A 74 -18.45 -9.99 -39.38
CA ALA A 74 -17.32 -9.93 -40.31
C ALA A 74 -16.41 -11.14 -40.27
N ALA A 75 -15.82 -11.54 -39.12
CA ALA A 75 -14.96 -12.70 -39.06
C ALA A 75 -15.62 -13.88 -39.80
N ARG A 76 -16.77 -14.26 -39.28
CA ARG A 76 -17.54 -15.37 -39.78
C ARG A 76 -17.59 -15.67 -41.27
N GLU A 77 -17.85 -14.65 -42.09
CA GLU A 77 -17.97 -14.77 -43.54
C GLU A 77 -16.62 -15.09 -44.18
N ARG A 78 -15.60 -14.64 -43.41
CA ARG A 78 -14.24 -14.91 -43.83
C ARG A 78 -13.89 -16.35 -43.54
N VAL A 79 -14.76 -17.17 -42.95
CA VAL A 79 -14.46 -18.59 -42.79
C VAL A 79 -14.92 -19.36 -44.04
N THR A 80 -13.99 -19.65 -44.95
CA THR A 80 -14.16 -20.31 -46.20
C THR A 80 -14.95 -21.59 -46.23
N GLU A 81 -14.72 -22.55 -45.37
CA GLU A 81 -15.40 -23.82 -45.37
C GLU A 81 -16.87 -23.79 -45.01
N GLY A 82 -17.42 -22.62 -44.70
CA GLY A 82 -18.82 -22.51 -44.37
C GLY A 82 -19.28 -23.32 -43.17
N ARG A 83 -18.38 -23.47 -42.19
CA ARG A 83 -18.78 -24.22 -41.02
C ARG A 83 -17.74 -23.99 -39.95
N VAL A 84 -18.11 -24.22 -38.71
CA VAL A 84 -17.13 -24.14 -37.62
C VAL A 84 -17.37 -25.41 -36.79
N ASP A 85 -16.40 -26.31 -36.86
CA ASP A 85 -16.43 -27.57 -36.12
C ASP A 85 -16.40 -27.36 -34.61
N VAL A 86 -15.34 -26.68 -34.19
CA VAL A 86 -15.07 -26.27 -32.84
C VAL A 86 -14.85 -24.75 -32.86
N LEU A 87 -15.61 -24.08 -32.02
CA LEU A 87 -15.53 -22.62 -31.85
C LEU A 87 -15.06 -22.35 -30.43
N VAL A 88 -13.82 -21.87 -30.25
CA VAL A 88 -13.28 -21.70 -28.88
C VAL A 88 -13.43 -20.30 -28.26
N CYS A 89 -14.24 -20.18 -27.20
CA CYS A 89 -14.44 -18.84 -26.62
C CYS A 89 -13.33 -18.56 -25.64
N ASN A 90 -12.40 -17.66 -25.99
CA ASN A 90 -11.27 -17.39 -25.11
C ASN A 90 -10.99 -16.00 -24.68
N ALA A 91 -11.32 -15.00 -25.50
CA ALA A 91 -11.02 -13.62 -25.11
C ALA A 91 -11.56 -13.33 -23.72
N GLY A 92 -10.68 -12.76 -22.91
CA GLY A 92 -10.96 -12.35 -21.56
C GLY A 92 -10.25 -11.05 -21.17
N LEU A 93 -10.62 -10.52 -20.01
CA LEU A 93 -10.08 -9.35 -19.38
C LEU A 93 -10.14 -9.63 -17.87
N GLY A 94 -9.15 -9.20 -17.16
CA GLY A 94 -9.13 -9.38 -15.70
C GLY A 94 -9.53 -8.00 -15.11
N LEU A 95 -9.56 -7.84 -13.81
CA LEU A 95 -9.92 -6.61 -13.12
C LEU A 95 -9.69 -6.85 -11.63
N LEU A 96 -8.57 -6.45 -11.09
CA LEU A 96 -8.15 -6.67 -9.70
C LEU A 96 -8.20 -5.39 -8.90
N GLY A 97 -8.82 -5.32 -7.72
CA GLY A 97 -8.90 -4.11 -6.94
C GLY A 97 -10.05 -3.88 -5.98
N PRO A 98 -9.85 -2.98 -5.02
CA PRO A 98 -10.87 -2.70 -4.01
C PRO A 98 -12.14 -2.33 -4.73
N LEU A 99 -13.28 -3.00 -4.53
CA LEU A 99 -14.50 -2.70 -5.26
C LEU A 99 -14.79 -1.26 -5.66
N GLU A 100 -14.79 -0.37 -4.69
CA GLU A 100 -15.01 1.05 -4.83
C GLU A 100 -13.93 1.85 -5.52
N ALA A 101 -12.85 1.25 -6.01
CA ALA A 101 -11.77 1.91 -6.70
C ALA A 101 -11.70 1.59 -8.18
N LEU A 102 -12.60 0.77 -8.71
CA LEU A 102 -12.62 0.38 -10.10
C LEU A 102 -13.35 1.38 -11.00
N GLY A 103 -12.78 1.64 -12.18
CA GLY A 103 -13.48 2.60 -13.05
C GLY A 103 -14.78 2.05 -13.62
N GLU A 104 -15.79 2.91 -13.79
CA GLU A 104 -17.06 2.56 -14.40
C GLU A 104 -16.87 2.00 -15.80
N ASP A 105 -15.95 2.51 -16.59
CA ASP A 105 -15.60 2.12 -17.95
C ASP A 105 -15.04 0.67 -18.02
N ALA A 106 -14.24 0.37 -17.02
CA ALA A 106 -13.61 -0.88 -16.71
C ALA A 106 -14.60 -1.94 -16.22
N VAL A 107 -15.55 -1.63 -15.32
CA VAL A 107 -16.52 -2.70 -14.98
C VAL A 107 -17.26 -3.00 -16.27
N ALA A 108 -17.65 -1.96 -17.01
CA ALA A 108 -18.29 -2.24 -18.28
C ALA A 108 -17.36 -2.85 -19.30
N SER A 109 -16.07 -2.63 -19.52
CA SER A 109 -15.45 -3.47 -20.56
C SER A 109 -15.30 -4.89 -20.04
N VAL A 110 -14.93 -5.12 -18.80
CA VAL A 110 -14.89 -6.54 -18.34
C VAL A 110 -16.18 -7.26 -18.68
N LEU A 111 -17.36 -6.84 -18.23
CA LEU A 111 -18.60 -7.54 -18.63
C LEU A 111 -18.97 -7.55 -20.11
N ASP A 112 -18.62 -6.51 -20.86
CA ASP A 112 -18.79 -6.44 -22.30
C ASP A 112 -17.94 -7.55 -22.96
N VAL A 113 -16.64 -7.60 -22.66
CA VAL A 113 -15.77 -8.61 -23.24
C VAL A 113 -16.08 -9.98 -22.67
N ASN A 114 -15.94 -10.11 -21.36
CA ASN A 114 -16.17 -11.41 -20.77
C ASN A 114 -17.58 -11.85 -20.99
N VAL A 115 -18.60 -11.12 -20.53
CA VAL A 115 -19.93 -11.71 -20.76
C VAL A 115 -20.57 -11.42 -22.06
N VAL A 116 -20.74 -10.14 -22.42
CA VAL A 116 -21.41 -9.86 -23.70
C VAL A 116 -20.68 -10.46 -24.88
N GLY A 117 -19.37 -10.53 -24.88
CA GLY A 117 -18.48 -11.07 -25.84
C GLY A 117 -18.65 -12.52 -26.23
N THR A 118 -19.05 -13.39 -25.29
CA THR A 118 -19.26 -14.81 -25.49
C THR A 118 -20.70 -14.95 -26.03
N VAL A 119 -21.52 -13.99 -25.60
CA VAL A 119 -22.91 -13.91 -26.00
C VAL A 119 -23.02 -13.58 -27.49
N ARG A 120 -22.33 -12.57 -27.93
CA ARG A 120 -22.25 -12.15 -29.30
C ARG A 120 -21.56 -13.26 -30.12
N MET A 121 -20.58 -13.91 -29.53
CA MET A 121 -19.85 -14.99 -30.16
C MET A 121 -20.82 -16.13 -30.50
N LEU A 122 -21.40 -16.72 -29.44
CA LEU A 122 -22.34 -17.83 -29.57
C LEU A 122 -23.55 -17.58 -30.43
N GLN A 123 -23.97 -16.32 -30.43
CA GLN A 123 -25.10 -15.88 -31.21
C GLN A 123 -24.72 -15.96 -32.66
N ALA A 124 -23.55 -15.51 -33.03
CA ALA A 124 -23.18 -15.61 -34.43
C ALA A 124 -22.98 -17.02 -34.94
N PHE A 125 -22.38 -17.91 -34.16
CA PHE A 125 -21.90 -19.23 -34.48
C PHE A 125 -22.73 -20.39 -34.05
N LEU A 126 -23.53 -20.37 -32.99
CA LEU A 126 -24.37 -21.46 -32.56
C LEU A 126 -25.43 -21.94 -33.55
N PRO A 127 -26.20 -21.04 -34.12
CA PRO A 127 -27.28 -21.29 -35.04
C PRO A 127 -26.94 -22.33 -36.07
N ASP A 128 -25.89 -22.06 -36.85
CA ASP A 128 -25.43 -22.97 -37.88
C ASP A 128 -25.00 -24.29 -37.28
N MET A 129 -24.28 -24.36 -36.16
CA MET A 129 -24.02 -25.72 -35.65
C MET A 129 -25.36 -26.40 -35.31
N LYS A 130 -26.31 -25.73 -34.63
CA LYS A 130 -27.60 -26.37 -34.40
C LYS A 130 -28.11 -26.94 -35.72
N ARG A 131 -28.23 -26.22 -36.82
CA ARG A 131 -28.67 -26.73 -38.10
C ARG A 131 -27.99 -28.05 -38.42
N ARG A 132 -26.67 -28.02 -38.57
CA ARG A 132 -25.94 -29.24 -38.88
C ARG A 132 -26.08 -30.31 -37.83
N GLY A 133 -26.49 -29.94 -36.64
CA GLY A 133 -26.65 -30.90 -35.58
C GLY A 133 -25.32 -31.44 -35.11
N SER A 134 -24.27 -30.73 -35.41
CA SER A 134 -22.92 -31.10 -35.00
C SER A 134 -22.21 -29.77 -34.70
N GLY A 135 -21.33 -29.78 -33.73
CA GLY A 135 -20.64 -28.50 -33.48
C GLY A 135 -20.09 -28.64 -32.07
N ARG A 136 -19.01 -27.94 -31.78
CA ARG A 136 -18.40 -27.95 -30.47
C ARG A 136 -18.01 -26.54 -30.08
N VAL A 137 -18.40 -26.09 -28.91
CA VAL A 137 -18.07 -24.77 -28.36
C VAL A 137 -17.20 -24.95 -27.12
N LEU A 138 -16.03 -24.36 -27.06
CA LEU A 138 -15.19 -24.50 -25.87
C LEU A 138 -15.07 -23.12 -25.23
N VAL A 139 -15.16 -23.07 -23.90
CA VAL A 139 -15.20 -21.79 -23.21
C VAL A 139 -14.30 -21.86 -21.98
N THR A 140 -13.32 -20.98 -22.04
CA THR A 140 -12.33 -20.87 -20.99
C THR A 140 -12.93 -20.49 -19.66
N GLY A 141 -12.89 -21.43 -18.72
CA GLY A 141 -13.41 -21.20 -17.38
C GLY A 141 -12.38 -20.48 -16.52
N SER A 142 -12.71 -20.38 -15.25
CA SER A 142 -11.78 -19.78 -14.29
C SER A 142 -12.18 -20.35 -12.93
N VAL A 143 -11.31 -20.54 -11.95
CA VAL A 143 -11.79 -21.00 -10.65
C VAL A 143 -12.77 -19.93 -10.11
N GLY A 144 -12.53 -18.68 -10.44
CA GLY A 144 -13.29 -17.52 -10.19
C GLY A 144 -14.70 -17.47 -10.74
N GLY A 145 -15.18 -18.47 -11.44
CA GLY A 145 -16.53 -18.63 -11.92
C GLY A 145 -17.27 -19.65 -11.03
N LEU A 146 -16.51 -20.34 -10.19
CA LEU A 146 -17.02 -21.37 -9.30
C LEU A 146 -17.05 -20.87 -7.87
N MET A 147 -16.02 -20.15 -7.51
CA MET A 147 -15.91 -19.62 -6.15
C MET A 147 -15.41 -18.18 -6.15
N GLY A 148 -15.90 -17.36 -5.21
CA GLY A 148 -15.59 -15.96 -5.05
C GLY A 148 -14.22 -15.68 -4.53
N LEU A 149 -13.58 -14.67 -5.15
CA LEU A 149 -12.20 -14.34 -4.75
C LEU A 149 -12.07 -12.90 -4.30
N PRO A 150 -11.72 -12.67 -3.07
CA PRO A 150 -11.55 -11.33 -2.56
C PRO A 150 -10.78 -10.48 -3.57
N PHE A 151 -11.27 -9.25 -3.74
CA PHE A 151 -10.70 -8.25 -4.61
C PHE A 151 -10.82 -8.51 -6.09
N ASN A 152 -11.70 -9.40 -6.53
CA ASN A 152 -11.87 -9.75 -7.94
C ASN A 152 -13.37 -9.88 -8.26
N ASP A 153 -14.15 -9.17 -7.51
CA ASP A 153 -15.57 -9.14 -7.57
C ASP A 153 -16.05 -9.02 -8.98
N VAL A 154 -15.79 -7.93 -9.68
CA VAL A 154 -16.27 -7.78 -11.06
C VAL A 154 -15.80 -8.94 -11.91
N TYR A 155 -14.52 -9.29 -11.83
CA TYR A 155 -13.98 -10.41 -12.63
C TYR A 155 -14.80 -11.64 -12.29
N CYS A 156 -15.01 -11.84 -10.99
CA CYS A 156 -15.80 -12.97 -10.51
C CYS A 156 -17.19 -13.01 -11.06
N ALA A 157 -17.90 -11.89 -11.22
CA ALA A 157 -19.26 -11.95 -11.76
C ALA A 157 -19.31 -12.39 -13.22
N SER A 158 -18.27 -12.00 -13.94
CA SER A 158 -18.20 -12.31 -15.35
C SER A 158 -17.88 -13.78 -15.46
N LYS A 159 -16.92 -14.22 -14.64
CA LYS A 159 -16.63 -15.67 -14.74
C LYS A 159 -17.87 -16.37 -14.28
N PHE A 160 -18.47 -15.93 -13.17
CA PHE A 160 -19.71 -16.54 -12.71
C PHE A 160 -20.81 -16.40 -13.75
N ALA A 161 -20.96 -15.22 -14.38
CA ALA A 161 -21.93 -15.01 -15.42
C ALA A 161 -21.74 -16.03 -16.52
N LEU A 162 -20.53 -16.45 -16.84
CA LEU A 162 -20.24 -17.38 -17.89
C LEU A 162 -20.70 -18.81 -17.73
N GLU A 163 -20.88 -19.19 -16.48
CA GLU A 163 -21.38 -20.51 -16.10
C GLU A 163 -22.91 -20.44 -16.09
N GLY A 164 -23.39 -19.20 -15.90
CA GLY A 164 -24.83 -19.01 -15.94
C GLY A 164 -25.28 -19.25 -17.40
N LEU A 165 -24.63 -18.60 -18.34
CA LEU A 165 -24.93 -18.65 -19.76
C LEU A 165 -24.78 -20.03 -20.35
N CYS A 166 -23.67 -20.68 -20.01
CA CYS A 166 -23.29 -21.98 -20.50
C CYS A 166 -24.13 -23.10 -20.04
N GLU A 167 -24.27 -23.33 -18.76
CA GLU A 167 -25.12 -24.41 -18.22
C GLU A 167 -26.55 -24.17 -18.66
N SER A 168 -26.95 -22.92 -18.85
CA SER A 168 -28.28 -22.60 -19.36
C SER A 168 -28.40 -23.06 -20.83
N LEU A 169 -27.39 -22.74 -21.67
CA LEU A 169 -27.60 -23.15 -23.06
C LEU A 169 -27.37 -24.64 -23.22
N ALA A 170 -26.58 -25.22 -22.33
CA ALA A 170 -26.26 -26.63 -22.38
C ALA A 170 -27.51 -27.48 -22.28
N VAL A 171 -28.45 -27.02 -21.42
CA VAL A 171 -29.67 -27.80 -21.22
C VAL A 171 -30.53 -27.83 -22.46
N LEU A 172 -30.48 -26.71 -23.16
CA LEU A 172 -31.21 -26.59 -24.40
C LEU A 172 -30.41 -27.25 -25.51
N LEU A 173 -29.08 -27.19 -25.50
CA LEU A 173 -28.35 -27.78 -26.62
C LEU A 173 -28.31 -29.29 -26.60
N LEU A 174 -28.45 -29.94 -25.45
CA LEU A 174 -28.36 -31.41 -25.42
C LEU A 174 -28.80 -32.08 -26.70
N PRO A 175 -30.08 -32.22 -26.96
CA PRO A 175 -30.62 -32.77 -28.17
C PRO A 175 -30.08 -32.18 -29.44
N PHE A 176 -29.27 -31.16 -29.58
CA PHE A 176 -28.94 -30.77 -30.95
C PHE A 176 -27.73 -31.52 -31.45
N GLY A 177 -26.86 -31.93 -30.53
CA GLY A 177 -25.61 -32.59 -30.89
C GLY A 177 -24.48 -31.58 -30.86
N VAL A 178 -24.74 -30.35 -30.45
CA VAL A 178 -23.81 -29.23 -30.28
C VAL A 178 -23.36 -29.38 -28.82
N HIS A 179 -22.06 -29.54 -28.53
CA HIS A 179 -21.65 -29.82 -27.15
C HIS A 179 -21.01 -28.65 -26.46
N LEU A 180 -21.53 -28.17 -25.30
CA LEU A 180 -20.83 -27.01 -24.73
C LEU A 180 -20.02 -27.47 -23.54
N SER A 181 -18.79 -27.03 -23.40
CA SER A 181 -17.89 -27.38 -22.33
C SER A 181 -17.07 -26.23 -21.77
N LEU A 182 -17.22 -25.88 -20.48
CA LEU A 182 -16.35 -24.83 -19.97
C LEU A 182 -15.04 -25.51 -19.50
N ILE A 183 -13.93 -24.88 -19.74
CA ILE A 183 -12.61 -25.33 -19.38
C ILE A 183 -12.12 -24.56 -18.16
N GLU A 184 -12.48 -24.97 -16.97
CA GLU A 184 -12.14 -24.19 -15.77
C GLU A 184 -10.64 -24.25 -15.59
N CYS A 185 -9.96 -23.13 -15.35
CA CYS A 185 -8.50 -23.18 -15.19
C CYS A 185 -8.17 -22.60 -13.81
N GLY A 186 -7.12 -22.99 -13.13
CA GLY A 186 -6.82 -22.26 -11.86
C GLY A 186 -5.88 -21.17 -12.35
N PRO A 187 -4.98 -20.65 -11.58
CA PRO A 187 -4.02 -19.66 -12.09
C PRO A 187 -3.23 -20.15 -13.30
N VAL A 188 -3.22 -19.43 -14.42
CA VAL A 188 -2.40 -19.86 -15.57
C VAL A 188 -1.29 -18.81 -15.72
N HIS A 189 -0.09 -19.22 -16.07
CA HIS A 189 1.00 -18.24 -16.19
C HIS A 189 1.00 -17.54 -17.55
N THR A 190 0.23 -16.44 -17.69
CA THR A 190 0.13 -15.70 -18.93
C THR A 190 0.20 -14.18 -18.87
N ALA A 191 0.35 -13.48 -17.74
CA ALA A 191 0.36 -11.99 -17.82
C ALA A 191 -1.06 -11.54 -18.22
N PHE A 192 -2.00 -12.25 -17.60
CA PHE A 192 -3.41 -11.83 -17.88
C PHE A 192 -3.58 -10.78 -16.79
N MET A 193 -2.99 -11.03 -15.63
CA MET A 193 -2.89 -10.23 -14.43
C MET A 193 -1.86 -9.08 -14.56
N GLU A 194 -0.89 -9.21 -15.48
CA GLU A 194 0.05 -8.09 -15.66
C GLU A 194 -0.84 -6.92 -16.13
N LYS A 195 -1.74 -7.17 -17.08
CA LYS A 195 -2.66 -6.12 -17.50
C LYS A 195 -3.68 -5.77 -16.41
N VAL A 196 -3.57 -6.23 -15.15
CA VAL A 196 -4.65 -5.95 -14.22
C VAL A 196 -4.66 -5.03 -13.04
N LEU A 197 -3.55 -4.57 -12.49
CA LEU A 197 -3.42 -3.77 -11.32
C LEU A 197 -3.18 -2.28 -11.36
N GLY A 198 -4.07 -1.45 -10.81
CA GLY A 198 -3.70 -0.01 -10.75
C GLY A 198 -2.58 0.08 -9.70
N SER A 199 -1.96 1.23 -9.58
CA SER A 199 -0.85 1.51 -8.66
C SER A 199 -1.33 2.03 -7.31
N PRO A 200 -0.50 1.80 -6.29
CA PRO A 200 -0.73 2.17 -4.90
C PRO A 200 -1.52 3.47 -4.82
N GLU A 201 -0.98 4.55 -5.38
CA GLU A 201 -1.68 5.85 -5.43
C GLU A 201 -3.18 5.68 -5.76
N GLU A 202 -3.46 5.18 -6.98
CA GLU A 202 -4.85 4.96 -7.40
C GLU A 202 -5.52 4.30 -6.20
N VAL A 203 -5.16 3.04 -5.95
CA VAL A 203 -5.73 2.33 -4.83
C VAL A 203 -5.82 3.20 -3.57
N LEU A 204 -4.73 3.86 -3.24
CA LEU A 204 -4.63 4.70 -2.05
C LEU A 204 -5.76 5.73 -2.00
N ASP A 205 -5.73 6.64 -3.02
CA ASP A 205 -6.76 7.67 -3.06
C ASP A 205 -8.16 7.02 -3.05
N ARG A 206 -8.34 6.02 -3.91
CA ARG A 206 -9.61 5.37 -4.04
C ARG A 206 -10.24 4.64 -2.90
N THR A 207 -9.53 4.30 -1.83
CA THR A 207 -10.12 3.52 -0.76
C THR A 207 -9.56 3.82 0.62
N ASP A 208 -10.17 3.15 1.60
CA ASP A 208 -9.79 3.23 2.98
C ASP A 208 -8.45 2.50 3.23
N ILE A 209 -7.78 2.99 4.27
CA ILE A 209 -6.49 2.52 4.76
C ILE A 209 -6.53 1.05 5.15
N HIS A 210 -7.58 0.67 5.85
CA HIS A 210 -7.83 -0.71 6.24
C HIS A 210 -7.85 -1.62 4.99
N THR A 211 -8.77 -1.25 4.07
CA THR A 211 -8.95 -1.98 2.82
C THR A 211 -7.69 -1.91 1.97
N PHE A 212 -7.10 -0.72 1.96
CA PHE A 212 -5.86 -0.53 1.26
C PHE A 212 -4.89 -1.58 1.80
N HIS A 213 -4.93 -1.83 3.09
CA HIS A 213 -4.12 -2.82 3.75
C HIS A 213 -4.39 -4.26 3.36
N ARG A 214 -5.64 -4.67 3.27
CA ARG A 214 -6.07 -6.02 2.90
C ARG A 214 -5.72 -6.43 1.49
N PHE A 215 -5.80 -5.44 0.60
CA PHE A 215 -5.40 -5.65 -0.80
C PHE A 215 -3.94 -6.08 -0.92
N TYR A 216 -2.92 -5.39 -0.34
CA TYR A 216 -1.56 -5.92 -0.53
C TYR A 216 -1.32 -7.28 0.09
N GLN A 217 -2.10 -7.52 1.13
CA GLN A 217 -2.05 -8.78 1.84
C GLN A 217 -2.51 -9.80 0.83
N TYR A 218 -3.67 -9.54 0.17
CA TYR A 218 -4.16 -10.57 -0.80
C TYR A 218 -3.13 -10.74 -1.92
N LEU A 219 -2.73 -9.59 -2.41
CA LEU A 219 -1.76 -9.44 -3.46
C LEU A 219 -0.54 -10.29 -3.14
N ALA A 220 -0.02 -10.11 -1.89
CA ALA A 220 1.13 -10.95 -1.58
C ALA A 220 0.68 -12.41 -1.51
N LEU A 221 -0.51 -12.71 -0.99
CA LEU A 221 -0.96 -14.11 -0.99
C LEU A 221 -1.09 -14.66 -2.40
N SER A 222 -1.76 -13.93 -3.24
CA SER A 222 -2.01 -14.40 -4.60
C SER A 222 -0.74 -14.70 -5.35
N LYS A 223 0.21 -13.77 -5.27
CA LYS A 223 1.51 -13.95 -5.96
C LYS A 223 2.07 -15.32 -5.60
N GLN A 224 2.15 -15.56 -4.29
CA GLN A 224 2.67 -16.84 -3.79
C GLN A 224 1.86 -17.94 -4.44
N VAL A 225 0.53 -17.89 -4.37
CA VAL A 225 -0.24 -18.92 -5.06
C VAL A 225 0.30 -19.04 -6.49
N PHE A 226 0.31 -17.90 -7.19
CA PHE A 226 0.76 -17.89 -8.56
C PHE A 226 2.01 -18.69 -8.81
N ARG A 227 3.08 -18.17 -8.21
CA ARG A 227 4.39 -18.79 -8.28
C ARG A 227 4.46 -20.22 -7.83
N GLU A 228 3.49 -20.66 -7.05
CA GLU A 228 3.46 -22.02 -6.54
C GLU A 228 2.45 -22.87 -7.30
N ALA A 229 1.59 -22.28 -8.13
CA ALA A 229 0.61 -23.26 -8.64
C ALA A 229 0.10 -23.02 -10.01
N ALA A 230 0.48 -21.92 -10.65
CA ALA A 230 -0.02 -21.57 -11.98
C ALA A 230 0.29 -22.69 -12.96
N GLN A 231 -0.41 -22.92 -14.05
CA GLN A 231 0.02 -23.92 -15.01
C GLN A 231 0.56 -23.16 -16.25
N ASN A 232 1.19 -23.94 -17.10
CA ASN A 232 1.63 -23.28 -18.35
C ASN A 232 0.51 -23.30 -19.37
N PRO A 233 0.48 -22.28 -20.20
CA PRO A 233 -0.52 -22.11 -21.24
C PRO A 233 -0.65 -23.35 -22.13
N GLU A 234 0.50 -24.02 -22.33
CA GLU A 234 0.51 -25.24 -23.11
C GLU A 234 -0.22 -26.36 -22.39
N GLU A 235 -0.25 -26.34 -21.06
CA GLU A 235 -0.89 -27.41 -20.28
C GLU A 235 -2.41 -27.37 -20.52
N VAL A 236 -2.89 -26.16 -20.31
CA VAL A 236 -4.29 -25.74 -20.46
C VAL A 236 -4.63 -26.01 -21.92
N ALA A 237 -3.72 -25.66 -22.85
CA ALA A 237 -3.91 -25.99 -24.27
C ALA A 237 -4.46 -27.42 -24.33
N GLU A 238 -3.61 -28.35 -23.86
CA GLU A 238 -3.96 -29.75 -23.79
C GLU A 238 -5.33 -30.04 -23.25
N VAL A 239 -5.85 -29.25 -22.30
CA VAL A 239 -7.18 -29.54 -21.80
C VAL A 239 -8.22 -29.27 -22.83
N PHE A 240 -8.29 -28.14 -23.52
CA PHE A 240 -9.32 -27.98 -24.57
C PHE A 240 -9.28 -29.22 -25.46
N LEU A 241 -8.07 -29.51 -25.93
CA LEU A 241 -7.73 -30.67 -26.73
C LEU A 241 -8.42 -31.95 -26.26
N THR A 242 -8.19 -32.38 -25.02
CA THR A 242 -8.93 -33.60 -24.65
C THR A 242 -10.43 -33.47 -24.73
N ALA A 243 -11.01 -32.47 -24.07
CA ALA A 243 -12.46 -32.27 -24.09
C ALA A 243 -12.88 -32.29 -25.55
N LEU A 244 -12.11 -31.55 -26.34
CA LEU A 244 -12.26 -31.40 -27.77
C LEU A 244 -12.39 -32.78 -28.43
N ARG A 245 -11.49 -33.67 -28.04
CA ARG A 245 -11.42 -35.02 -28.50
C ARG A 245 -12.59 -35.83 -27.96
N ALA A 246 -12.87 -35.81 -26.68
CA ALA A 246 -13.96 -36.65 -26.10
C ALA A 246 -15.25 -36.69 -26.88
N PRO A 247 -15.89 -37.84 -27.09
CA PRO A 247 -17.03 -38.11 -27.92
C PRO A 247 -18.39 -37.77 -27.37
N LYS A 248 -18.40 -37.65 -26.04
CA LYS A 248 -19.61 -37.26 -25.35
C LYS A 248 -19.18 -36.45 -24.13
N PRO A 249 -18.86 -35.19 -24.41
CA PRO A 249 -18.28 -34.25 -23.51
C PRO A 249 -19.04 -33.72 -22.33
N THR A 250 -18.38 -33.62 -21.15
CA THR A 250 -19.07 -33.10 -19.99
C THR A 250 -19.20 -31.57 -20.05
N LEU A 251 -19.86 -30.96 -19.08
CA LEU A 251 -20.02 -29.53 -19.12
C LEU A 251 -18.73 -28.88 -18.68
N ARG A 252 -18.03 -29.55 -17.77
CA ARG A 252 -16.81 -28.95 -17.24
C ARG A 252 -15.62 -29.88 -17.30
N TYR A 253 -14.46 -29.31 -17.56
CA TYR A 253 -13.19 -30.00 -17.69
C TYR A 253 -12.26 -29.37 -16.69
N PHE A 254 -11.57 -30.05 -15.78
CA PHE A 254 -10.74 -29.23 -14.87
C PHE A 254 -9.33 -29.11 -15.36
N THR A 255 -8.66 -27.95 -15.37
CA THR A 255 -7.26 -28.00 -15.83
C THR A 255 -6.35 -28.50 -14.68
N THR A 256 -6.89 -28.60 -13.49
CA THR A 256 -6.25 -28.97 -12.27
C THR A 256 -7.25 -29.45 -11.23
N GLU A 257 -6.85 -30.46 -10.42
CA GLU A 257 -7.73 -30.83 -9.27
C GLU A 257 -7.36 -29.88 -8.10
N ARG A 258 -6.35 -28.99 -8.31
CA ARG A 258 -5.85 -28.11 -7.36
C ARG A 258 -6.91 -27.59 -6.41
N PHE A 259 -7.80 -26.77 -6.92
CA PHE A 259 -8.83 -26.19 -6.06
C PHE A 259 -9.96 -27.14 -5.76
N LEU A 260 -10.08 -28.33 -6.38
CA LEU A 260 -11.14 -29.28 -6.17
C LEU A 260 -11.77 -29.38 -4.81
N PRO A 261 -11.01 -29.56 -3.76
CA PRO A 261 -11.46 -29.68 -2.38
C PRO A 261 -12.38 -28.51 -2.09
N LEU A 262 -11.74 -27.34 -2.15
CA LEU A 262 -12.43 -26.06 -2.00
C LEU A 262 -13.64 -26.07 -2.91
N LEU A 263 -13.59 -26.32 -4.23
CA LEU A 263 -14.88 -26.34 -4.92
C LEU A 263 -15.88 -27.27 -4.27
N ARG A 264 -15.44 -28.32 -3.54
CA ARG A 264 -16.40 -29.23 -2.90
C ARG A 264 -17.01 -28.63 -1.62
N MET A 265 -16.12 -28.02 -0.82
CA MET A 265 -16.61 -27.47 0.42
C MET A 265 -17.89 -26.66 0.19
N ARG A 266 -17.85 -25.79 -0.76
CA ARG A 266 -18.88 -24.92 -1.28
C ARG A 266 -20.23 -25.64 -1.44
N LEU A 267 -20.11 -26.52 -2.42
CA LEU A 267 -21.21 -27.37 -2.86
C LEU A 267 -21.75 -28.07 -1.63
N ASP A 268 -20.88 -28.49 -0.71
CA ASP A 268 -21.32 -29.12 0.52
C ASP A 268 -21.89 -28.13 1.54
N ASP A 269 -21.76 -26.79 1.46
CA ASP A 269 -22.37 -25.88 2.46
C ASP A 269 -23.26 -24.82 1.87
N PRO A 270 -24.54 -25.06 1.68
CA PRO A 270 -25.52 -24.17 1.06
C PRO A 270 -25.66 -22.85 1.74
N SER A 271 -25.40 -22.75 3.06
CA SER A 271 -25.52 -21.37 3.57
C SER A 271 -24.38 -20.56 3.01
N GLY A 272 -23.36 -21.16 2.43
CA GLY A 272 -22.25 -20.46 1.84
C GLY A 272 -21.36 -19.77 2.86
N SER A 273 -21.73 -20.00 4.10
CA SER A 273 -21.08 -19.48 5.28
C SER A 273 -19.76 -20.21 5.51
N ASN A 274 -19.77 -21.55 5.31
CA ASN A 274 -18.49 -22.26 5.53
C ASN A 274 -17.49 -21.76 4.53
N TYR A 275 -17.83 -21.91 3.23
CA TYR A 275 -16.86 -21.39 2.26
C TYR A 275 -16.37 -20.01 2.64
N VAL A 276 -17.29 -19.06 2.92
CA VAL A 276 -16.76 -17.73 3.21
C VAL A 276 -15.70 -17.79 4.27
N THR A 277 -15.97 -18.56 5.30
CA THR A 277 -15.04 -18.67 6.45
C THR A 277 -13.65 -18.99 6.00
N ALA A 278 -13.56 -20.12 5.32
CA ALA A 278 -12.27 -20.56 4.82
C ALA A 278 -11.59 -19.50 3.98
N MET A 279 -12.21 -19.21 2.80
CA MET A 279 -11.56 -18.27 1.90
C MET A 279 -10.99 -17.12 2.70
N HIS A 280 -11.89 -16.42 3.39
CA HIS A 280 -11.47 -15.35 4.25
C HIS A 280 -10.20 -15.72 5.02
N ARG A 281 -10.30 -16.82 5.77
CA ARG A 281 -9.16 -17.32 6.53
C ARG A 281 -7.98 -17.57 5.61
N GLU A 282 -8.15 -18.46 4.60
CA GLU A 282 -6.99 -18.64 3.77
C GLU A 282 -6.52 -17.31 3.22
N VAL A 283 -7.38 -16.41 2.72
CA VAL A 283 -6.70 -15.22 2.22
C VAL A 283 -6.17 -14.23 3.17
N PHE A 284 -6.91 -13.93 4.23
CA PHE A 284 -6.37 -12.88 5.13
C PHE A 284 -6.07 -13.54 6.48
N GLY A 285 -5.90 -14.88 6.49
CA GLY A 285 -5.64 -15.52 7.78
C GLY A 285 -6.84 -15.46 8.73
N ALA B 1 -36.98 7.10 12.37
CA ALA B 1 -36.40 6.26 13.49
C ALA B 1 -34.92 5.97 13.52
N ARG B 2 -34.44 4.75 13.80
CA ARG B 2 -32.99 4.52 13.92
C ARG B 2 -32.34 3.63 12.91
N THR B 3 -32.84 2.40 12.64
CA THR B 3 -32.25 1.59 11.57
C THR B 3 -32.69 2.14 10.21
N VAL B 4 -31.76 2.88 9.65
CA VAL B 4 -31.97 3.47 8.34
C VAL B 4 -31.80 2.46 7.23
N VAL B 5 -32.82 2.16 6.46
CA VAL B 5 -32.75 1.18 5.39
C VAL B 5 -32.86 1.87 4.03
N LEU B 6 -32.08 1.50 3.01
CA LEU B 6 -32.27 2.14 1.68
C LEU B 6 -32.58 0.94 0.75
N ILE B 7 -33.72 0.90 0.06
CA ILE B 7 -34.20 -0.16 -0.80
C ILE B 7 -34.62 0.29 -2.22
N THR B 8 -34.07 -0.39 -3.21
CA THR B 8 -34.29 -0.22 -4.63
C THR B 8 -35.48 -1.03 -5.14
N GLY B 9 -36.02 -0.60 -6.27
CA GLY B 9 -37.16 -1.19 -6.94
C GLY B 9 -38.25 -1.44 -5.92
N CYS B 10 -39.00 -0.42 -5.49
CA CYS B 10 -40.03 -0.61 -4.51
C CYS B 10 -41.43 -0.23 -4.90
N SER B 11 -41.76 0.05 -6.14
CA SER B 11 -43.14 0.44 -6.50
C SER B 11 -44.17 -0.71 -6.51
N SER B 12 -43.66 -1.92 -6.65
CA SER B 12 -44.30 -3.18 -6.70
C SER B 12 -43.48 -4.27 -6.00
N GLY B 13 -43.93 -5.50 -6.12
CA GLY B 13 -43.33 -6.67 -5.56
C GLY B 13 -42.72 -6.68 -4.18
N ILE B 14 -41.51 -7.28 -4.14
CA ILE B 14 -40.68 -7.41 -2.96
C ILE B 14 -40.29 -6.00 -2.51
N GLY B 15 -39.86 -5.11 -3.38
CA GLY B 15 -39.54 -3.76 -2.91
C GLY B 15 -40.67 -3.08 -2.12
N LEU B 16 -41.89 -3.12 -2.68
CA LEU B 16 -43.11 -2.59 -2.04
C LEU B 16 -43.34 -3.32 -0.72
N HIS B 17 -43.62 -4.61 -0.74
CA HIS B 17 -43.74 -5.37 0.48
C HIS B 17 -42.62 -5.30 1.49
N LEU B 18 -41.35 -5.27 1.13
CA LEU B 18 -40.23 -5.13 2.05
C LEU B 18 -40.23 -3.70 2.60
N ALA B 19 -40.35 -2.71 1.73
CA ALA B 19 -40.39 -1.33 2.18
C ALA B 19 -41.36 -1.11 3.33
N VAL B 20 -42.65 -1.33 3.11
CA VAL B 20 -43.66 -1.10 4.15
C VAL B 20 -43.61 -1.97 5.38
N ARG B 21 -43.51 -3.27 5.25
CA ARG B 21 -43.44 -4.25 6.33
C ARG B 21 -42.52 -3.68 7.40
N LEU B 22 -41.34 -3.26 6.91
CA LEU B 22 -40.30 -2.64 7.69
C LEU B 22 -40.87 -1.37 8.33
N ALA B 23 -41.35 -0.47 7.45
CA ALA B 23 -41.89 0.78 7.99
C ALA B 23 -42.90 0.47 9.07
N SER B 24 -43.82 -0.46 8.90
CA SER B 24 -44.78 -0.80 9.92
C SER B 24 -44.29 -1.79 10.94
N ASP B 25 -43.05 -2.24 10.93
CA ASP B 25 -42.68 -3.16 12.02
C ASP B 25 -43.14 -2.57 13.35
N PRO B 26 -43.57 -3.34 14.31
CA PRO B 26 -44.06 -2.93 15.61
C PRO B 26 -43.07 -2.35 16.59
N SER B 27 -41.79 -2.51 16.29
CA SER B 27 -40.74 -1.99 17.19
C SER B 27 -40.39 -0.56 16.77
N GLN B 28 -41.18 -0.04 15.86
CA GLN B 28 -41.04 1.27 15.29
C GLN B 28 -39.56 1.64 15.16
N SER B 29 -38.77 0.75 14.53
CA SER B 29 -37.34 1.06 14.49
C SER B 29 -36.69 1.30 13.17
N PHE B 30 -37.24 0.94 12.02
CA PHE B 30 -36.52 1.28 10.79
C PHE B 30 -36.94 2.57 10.12
N LYS B 31 -35.99 3.30 9.56
CA LYS B 31 -36.41 4.51 8.77
C LYS B 31 -36.35 4.01 7.31
N VAL B 32 -37.42 4.07 6.52
CA VAL B 32 -37.34 3.48 5.19
C VAL B 32 -37.25 4.36 3.97
N TYR B 33 -36.02 4.35 3.39
CA TYR B 33 -35.79 5.10 2.16
C TYR B 33 -36.17 4.15 1.02
N ALA B 34 -37.46 4.19 0.68
CA ALA B 34 -37.94 3.30 -0.41
C ALA B 34 -37.59 4.03 -1.69
N THR B 35 -36.85 3.51 -2.64
CA THR B 35 -36.58 4.33 -3.83
C THR B 35 -37.20 3.71 -5.07
N LEU B 36 -37.59 4.51 -6.06
CA LEU B 36 -38.27 3.96 -7.22
C LEU B 36 -37.63 4.43 -8.50
N ARG B 37 -37.94 3.77 -9.61
CA ARG B 37 -37.29 4.30 -10.84
C ARG B 37 -38.14 5.49 -11.25
N ASP B 38 -39.44 5.28 -11.51
CA ASP B 38 -40.28 6.43 -11.81
C ASP B 38 -41.22 6.76 -10.65
N LEU B 39 -41.07 7.93 -10.01
CA LEU B 39 -41.92 8.33 -8.92
C LEU B 39 -43.38 8.43 -9.35
N LYS B 40 -43.61 8.47 -10.67
CA LYS B 40 -44.96 8.51 -11.14
C LYS B 40 -45.65 7.16 -11.01
N THR B 41 -44.95 6.16 -10.49
CA THR B 41 -45.46 4.83 -10.24
C THR B 41 -45.53 4.54 -8.73
N GLN B 42 -45.52 5.60 -7.90
CA GLN B 42 -45.50 5.32 -6.47
C GLN B 42 -46.77 5.31 -5.69
N GLY B 43 -47.94 5.12 -6.26
CA GLY B 43 -49.18 5.10 -5.48
C GLY B 43 -49.36 3.98 -4.50
N ARG B 44 -49.22 2.76 -4.99
CA ARG B 44 -49.36 1.54 -4.20
C ARG B 44 -48.47 1.55 -2.95
N LEU B 45 -47.23 2.02 -3.11
CA LEU B 45 -46.31 2.12 -1.98
C LEU B 45 -47.07 2.92 -0.92
N TRP B 46 -47.24 4.20 -1.22
CA TRP B 46 -47.89 5.11 -0.29
C TRP B 46 -49.21 4.55 0.14
N GLU B 47 -49.96 3.99 -0.79
CA GLU B 47 -51.23 3.35 -0.47
C GLU B 47 -51.04 2.22 0.55
N ALA B 48 -50.12 1.29 0.28
CA ALA B 48 -49.73 0.21 1.15
C ALA B 48 -49.36 0.75 2.56
N ALA B 49 -48.40 1.65 2.59
CA ALA B 49 -47.92 2.27 3.79
C ALA B 49 -49.00 3.06 4.53
N ARG B 50 -49.85 3.72 3.74
CA ARG B 50 -50.96 4.50 4.36
C ARG B 50 -51.91 3.47 4.94
N ALA B 51 -52.28 2.49 4.10
CA ALA B 51 -53.13 1.37 4.51
C ALA B 51 -52.46 0.56 5.62
N LEU B 52 -51.13 0.59 5.72
CA LEU B 52 -50.51 -0.16 6.81
C LEU B 52 -50.19 0.61 8.05
N ALA B 53 -50.57 1.84 8.36
CA ALA B 53 -50.17 2.43 9.64
C ALA B 53 -48.67 2.64 9.79
N CYS B 54 -48.05 3.57 9.06
CA CYS B 54 -46.59 3.68 9.28
C CYS B 54 -46.25 4.94 10.02
N PRO B 55 -45.43 4.93 11.03
CA PRO B 55 -44.99 6.10 11.78
C PRO B 55 -44.64 7.23 10.84
N PRO B 56 -45.14 8.39 11.13
CA PRO B 56 -44.95 9.59 10.34
C PRO B 56 -43.44 9.77 10.18
N GLY B 57 -42.90 9.78 8.98
CA GLY B 57 -41.44 9.94 8.85
C GLY B 57 -40.76 8.60 8.66
N SER B 58 -41.38 7.52 9.11
CA SER B 58 -40.81 6.20 8.97
C SER B 58 -40.48 5.90 7.51
N LEU B 59 -41.29 6.32 6.55
CA LEU B 59 -41.10 6.11 5.14
C LEU B 59 -40.93 7.38 4.33
N GLU B 60 -40.10 7.31 3.31
CA GLU B 60 -39.77 8.33 2.35
C GLU B 60 -39.40 7.59 1.05
N THR B 61 -39.45 8.34 -0.02
CA THR B 61 -39.17 7.75 -1.33
C THR B 61 -38.18 8.63 -2.08
N LEU B 62 -37.22 8.10 -2.80
CA LEU B 62 -36.27 8.85 -3.61
C LEU B 62 -36.28 8.30 -5.04
N GLN B 63 -35.90 9.06 -6.07
CA GLN B 63 -35.81 8.50 -7.41
C GLN B 63 -34.38 8.09 -7.73
N LEU B 64 -34.22 6.77 -7.78
CA LEU B 64 -32.95 6.14 -8.09
C LEU B 64 -33.15 5.36 -9.39
N ASP B 65 -32.18 5.27 -10.22
CA ASP B 65 -32.16 4.49 -11.47
C ASP B 65 -30.83 3.76 -11.40
N VAL B 66 -30.79 2.54 -10.86
CA VAL B 66 -29.47 1.94 -10.67
C VAL B 66 -28.51 1.96 -11.80
N ARG B 67 -28.90 2.30 -13.02
CA ARG B 67 -28.19 2.44 -14.25
C ARG B 67 -27.49 3.80 -14.32
N ASP B 68 -27.71 4.64 -13.32
CA ASP B 68 -27.08 5.91 -13.37
C ASP B 68 -26.33 6.30 -12.13
N SER B 69 -25.03 6.12 -12.27
CA SER B 69 -24.08 6.49 -11.23
C SER B 69 -24.54 7.83 -10.66
N LYS B 70 -24.74 8.86 -11.49
CA LYS B 70 -25.18 10.10 -10.90
C LYS B 70 -26.52 9.92 -10.24
N SER B 71 -27.49 9.18 -10.76
CA SER B 71 -28.73 9.07 -9.98
C SER B 71 -28.48 8.34 -8.66
N VAL B 72 -27.51 7.43 -8.65
CA VAL B 72 -27.16 6.69 -7.42
C VAL B 72 -26.59 7.63 -6.37
N ALA B 73 -25.62 8.47 -6.77
CA ALA B 73 -25.00 9.47 -5.91
C ALA B 73 -26.03 10.33 -5.20
N ALA B 74 -26.86 11.07 -5.93
CA ALA B 74 -27.89 11.86 -5.29
C ALA B 74 -28.73 11.02 -4.33
N ALA B 75 -29.30 9.88 -4.70
CA ALA B 75 -30.12 9.19 -3.74
C ALA B 75 -29.25 9.16 -2.49
N ARG B 76 -28.05 8.62 -2.66
CA ARG B 76 -27.22 8.62 -1.46
C ARG B 76 -27.25 9.96 -0.75
N GLU B 77 -26.89 11.03 -1.46
CA GLU B 77 -26.89 12.35 -0.88
C GLU B 77 -28.21 12.59 -0.19
N ARG B 78 -29.37 12.08 -0.61
CA ARG B 78 -30.56 12.40 0.17
C ARG B 78 -30.75 11.67 1.48
N VAL B 79 -29.84 10.83 1.98
CA VAL B 79 -30.12 10.13 3.23
C VAL B 79 -29.70 11.01 4.39
N THR B 80 -30.55 11.91 4.89
CA THR B 80 -30.25 12.83 5.95
C THR B 80 -29.57 12.28 7.19
N GLU B 81 -29.99 11.13 7.65
CA GLU B 81 -29.36 10.53 8.82
C GLU B 81 -27.83 10.51 8.74
N GLY B 82 -27.17 10.13 7.64
CA GLY B 82 -25.73 10.11 7.56
C GLY B 82 -25.03 8.76 7.54
N ARG B 83 -25.78 7.72 7.84
CA ARG B 83 -25.34 6.32 7.88
C ARG B 83 -26.37 5.63 6.94
N VAL B 84 -26.29 4.33 6.79
CA VAL B 84 -27.17 3.45 6.07
C VAL B 84 -26.90 2.13 6.80
N ASP B 85 -27.85 1.71 7.59
CA ASP B 85 -27.77 0.49 8.40
C ASP B 85 -28.09 -0.74 7.56
N VAL B 86 -29.07 -0.63 6.67
CA VAL B 86 -29.45 -1.66 5.75
C VAL B 86 -29.69 -1.10 4.34
N LEU B 87 -28.93 -1.54 3.38
CA LEU B 87 -29.01 -1.17 1.97
C LEU B 87 -29.64 -2.41 1.31
N VAL B 88 -30.78 -2.24 0.68
CA VAL B 88 -31.38 -3.44 0.07
C VAL B 88 -31.27 -3.39 -1.44
N CYS B 89 -30.25 -4.12 -1.93
CA CYS B 89 -30.11 -4.20 -3.38
C CYS B 89 -31.17 -5.14 -3.96
N ASN B 90 -32.22 -4.57 -4.55
CA ASN B 90 -33.32 -5.36 -5.07
C ASN B 90 -33.66 -5.20 -6.53
N ALA B 91 -33.37 -4.17 -7.30
CA ALA B 91 -33.82 -3.98 -8.68
C ALA B 91 -33.37 -4.97 -9.71
N GLY B 92 -34.27 -5.72 -10.36
CA GLY B 92 -33.86 -6.70 -11.35
C GLY B 92 -34.77 -6.77 -12.57
N LEU B 93 -34.30 -7.39 -13.64
CA LEU B 93 -34.98 -7.51 -14.89
C LEU B 93 -34.82 -8.95 -15.43
N GLY B 94 -35.84 -9.56 -15.97
CA GLY B 94 -35.77 -10.87 -16.61
C GLY B 94 -35.53 -10.56 -18.12
N LEU B 95 -35.16 -11.54 -18.89
CA LEU B 95 -34.91 -11.52 -20.31
C LEU B 95 -35.17 -12.97 -20.70
N LEU B 96 -36.06 -13.23 -21.64
CA LEU B 96 -36.41 -14.59 -21.94
C LEU B 96 -36.44 -14.96 -23.39
N GLY B 97 -35.79 -16.08 -23.73
CA GLY B 97 -35.80 -16.47 -25.10
C GLY B 97 -34.62 -17.09 -25.76
N PRO B 98 -34.91 -17.44 -26.99
CA PRO B 98 -33.93 -18.06 -27.86
C PRO B 98 -32.76 -17.10 -27.97
N LEU B 99 -31.61 -17.48 -27.39
CA LEU B 99 -30.45 -16.64 -27.34
C LEU B 99 -30.07 -15.85 -28.57
N GLU B 100 -30.05 -16.44 -29.76
CA GLU B 100 -29.75 -15.88 -31.04
C GLU B 100 -30.90 -15.00 -31.57
N ALA B 101 -31.92 -14.91 -30.74
CA ALA B 101 -33.09 -14.12 -30.98
C ALA B 101 -33.07 -12.89 -30.08
N LEU B 102 -32.19 -12.87 -29.07
CA LEU B 102 -32.09 -11.72 -28.20
C LEU B 102 -31.26 -10.59 -28.80
N GLY B 103 -31.88 -9.40 -28.72
CA GLY B 103 -31.13 -8.27 -29.20
C GLY B 103 -30.06 -7.78 -28.23
N GLU B 104 -28.93 -7.39 -28.77
CA GLU B 104 -27.77 -6.77 -28.17
C GLU B 104 -28.12 -5.75 -27.07
N ASP B 105 -29.11 -4.90 -27.35
CA ASP B 105 -29.58 -3.90 -26.39
C ASP B 105 -30.31 -4.59 -25.24
N ALA B 106 -31.26 -5.48 -25.47
CA ALA B 106 -31.88 -6.21 -24.37
C ALA B 106 -30.78 -6.89 -23.54
N VAL B 107 -29.89 -7.58 -24.28
CA VAL B 107 -28.83 -8.22 -23.54
C VAL B 107 -28.11 -7.17 -22.73
N ALA B 108 -27.57 -6.06 -23.25
CA ALA B 108 -26.84 -5.17 -22.35
C ALA B 108 -27.59 -4.50 -21.23
N SER B 109 -28.88 -4.27 -21.34
CA SER B 109 -29.68 -3.65 -20.28
C SER B 109 -29.79 -4.60 -19.10
N VAL B 110 -30.12 -5.87 -19.38
CA VAL B 110 -30.22 -6.83 -18.28
C VAL B 110 -28.90 -6.91 -17.56
N LEU B 111 -27.75 -6.84 -18.21
CA LEU B 111 -26.46 -6.83 -17.53
C LEU B 111 -26.15 -5.54 -16.79
N ASP B 112 -26.71 -4.44 -17.27
CA ASP B 112 -26.57 -3.15 -16.66
C ASP B 112 -27.39 -2.99 -15.37
N VAL B 113 -28.62 -3.43 -15.41
CA VAL B 113 -29.56 -3.29 -14.31
C VAL B 113 -29.36 -4.29 -13.19
N ASN B 114 -29.06 -5.52 -13.55
CA ASN B 114 -28.93 -6.63 -12.64
C ASN B 114 -27.57 -6.74 -12.01
N VAL B 115 -26.55 -6.50 -12.81
CA VAL B 115 -25.18 -6.60 -12.37
C VAL B 115 -24.53 -5.24 -12.16
N VAL B 116 -24.41 -4.39 -13.20
CA VAL B 116 -23.74 -3.09 -12.99
C VAL B 116 -24.45 -2.23 -11.97
N GLY B 117 -25.76 -2.25 -11.86
CA GLY B 117 -26.59 -1.56 -10.89
C GLY B 117 -26.31 -2.05 -9.48
N THR B 118 -25.96 -3.30 -9.18
CA THR B 118 -25.63 -3.65 -7.79
C THR B 118 -24.18 -3.24 -7.55
N VAL B 119 -23.35 -3.22 -8.56
CA VAL B 119 -21.97 -2.74 -8.35
C VAL B 119 -22.00 -1.28 -7.90
N ARG B 120 -22.75 -0.41 -8.56
CA ARG B 120 -22.93 0.97 -8.29
C ARG B 120 -23.42 1.31 -6.90
N MET B 121 -24.41 0.58 -6.39
CA MET B 121 -24.97 0.82 -5.06
C MET B 121 -23.90 0.50 -4.01
N LEU B 122 -23.32 -0.67 -4.22
CA LEU B 122 -22.26 -1.19 -3.38
C LEU B 122 -21.11 -0.21 -3.34
N GLN B 123 -20.64 0.25 -4.51
CA GLN B 123 -19.57 1.24 -4.42
C GLN B 123 -20.11 2.56 -3.88
N ALA B 124 -21.37 2.92 -4.06
CA ALA B 124 -21.88 4.16 -3.47
C ALA B 124 -21.87 4.01 -1.95
N PHE B 125 -22.39 2.89 -1.42
CA PHE B 125 -22.54 2.52 -0.05
C PHE B 125 -21.61 1.68 0.79
N LEU B 126 -20.70 0.81 0.41
CA LEU B 126 -19.82 0.04 1.30
C LEU B 126 -18.70 0.75 2.04
N PRO B 127 -18.00 1.72 1.44
CA PRO B 127 -17.00 2.51 2.09
C PRO B 127 -17.59 3.08 3.38
N ASP B 128 -18.71 3.82 3.35
CA ASP B 128 -19.16 4.36 4.65
C ASP B 128 -19.37 3.30 5.68
N MET B 129 -19.98 2.20 5.30
CA MET B 129 -20.19 1.05 6.19
C MET B 129 -18.81 0.62 6.71
N LYS B 130 -17.88 0.32 5.77
CA LYS B 130 -16.54 -0.11 6.23
C LYS B 130 -16.16 0.83 7.40
N ARG B 131 -16.16 2.14 7.18
CA ARG B 131 -15.85 3.14 8.19
C ARG B 131 -16.55 2.80 9.50
N ARG B 132 -17.89 2.91 9.53
CA ARG B 132 -18.61 2.57 10.74
C ARG B 132 -18.21 1.18 11.25
N GLY B 133 -17.88 0.28 10.33
CA GLY B 133 -17.50 -1.08 10.72
C GLY B 133 -18.84 -1.71 11.15
N SER B 134 -19.85 -1.32 10.34
CA SER B 134 -21.22 -1.78 10.58
C SER B 134 -22.13 -1.55 9.38
N GLY B 135 -23.00 -2.53 9.14
CA GLY B 135 -23.89 -2.37 7.98
C GLY B 135 -24.13 -3.72 7.32
N ARG B 136 -25.39 -3.98 7.05
CA ARG B 136 -25.90 -5.20 6.48
C ARG B 136 -26.25 -5.04 5.01
N VAL B 137 -25.81 -5.79 4.05
CA VAL B 137 -26.30 -5.60 2.69
C VAL B 137 -27.20 -6.77 2.32
N LEU B 138 -28.47 -6.60 2.10
CA LEU B 138 -29.21 -7.81 1.69
C LEU B 138 -29.34 -7.64 0.17
N VAL B 139 -29.21 -8.73 -0.54
CA VAL B 139 -29.31 -8.70 -1.99
C VAL B 139 -30.36 -9.65 -2.50
N THR B 140 -31.29 -9.22 -3.32
CA THR B 140 -32.35 -10.09 -3.83
C THR B 140 -31.83 -11.07 -4.85
N GLY B 141 -31.52 -12.31 -4.48
CA GLY B 141 -30.97 -13.22 -5.50
C GLY B 141 -32.10 -14.05 -6.07
N SER B 142 -31.69 -14.91 -6.99
CA SER B 142 -32.58 -15.81 -7.70
C SER B 142 -32.12 -17.25 -7.80
N VAL B 143 -33.09 -18.09 -8.13
CA VAL B 143 -32.87 -19.50 -8.31
C VAL B 143 -31.99 -19.73 -9.54
N GLY B 144 -32.29 -18.97 -10.58
CA GLY B 144 -31.73 -18.91 -11.89
C GLY B 144 -30.33 -18.31 -11.87
N GLY B 145 -29.89 -17.95 -10.67
CA GLY B 145 -28.58 -17.43 -10.37
C GLY B 145 -27.79 -18.57 -9.69
N LEU B 146 -28.52 -19.61 -9.33
CA LEU B 146 -28.08 -20.81 -8.68
C LEU B 146 -27.96 -21.94 -9.68
N MET B 147 -28.64 -21.89 -10.81
CA MET B 147 -28.46 -22.98 -11.79
C MET B 147 -29.05 -22.60 -13.13
N GLY B 148 -28.50 -23.20 -14.17
CA GLY B 148 -28.96 -22.95 -15.52
C GLY B 148 -30.40 -23.22 -15.84
N LEU B 149 -30.98 -22.38 -16.68
CA LEU B 149 -32.34 -22.43 -17.14
C LEU B 149 -32.41 -22.20 -18.64
N PRO B 150 -33.07 -23.12 -19.31
CA PRO B 150 -33.25 -23.05 -20.75
C PRO B 150 -34.05 -21.75 -20.94
N PHE B 151 -33.77 -21.15 -22.08
CA PHE B 151 -34.29 -19.93 -22.62
C PHE B 151 -34.18 -18.74 -21.68
N ASN B 152 -33.16 -18.68 -20.82
CA ASN B 152 -32.87 -17.70 -19.83
C ASN B 152 -31.37 -17.45 -19.61
N ASP B 153 -30.55 -17.83 -20.53
CA ASP B 153 -29.13 -17.65 -20.51
C ASP B 153 -28.68 -16.30 -20.04
N VAL B 154 -29.08 -15.20 -20.69
CA VAL B 154 -28.62 -13.86 -20.25
C VAL B 154 -28.99 -13.57 -18.80
N TYR B 155 -30.22 -13.88 -18.46
CA TYR B 155 -30.75 -13.67 -17.16
C TYR B 155 -29.96 -14.48 -16.13
N CYS B 156 -29.85 -15.74 -16.46
CA CYS B 156 -29.09 -16.63 -15.59
C CYS B 156 -27.68 -16.09 -15.44
N ALA B 157 -27.04 -15.59 -16.49
CA ALA B 157 -25.70 -15.04 -16.34
C ALA B 157 -25.66 -13.81 -15.46
N SER B 158 -26.72 -13.01 -15.55
CA SER B 158 -26.77 -11.79 -14.75
C SER B 158 -26.87 -12.17 -13.29
N LYS B 159 -27.82 -13.08 -13.06
CA LYS B 159 -28.04 -13.53 -11.68
C LYS B 159 -26.89 -14.34 -11.12
N PHE B 160 -26.16 -15.07 -11.96
CA PHE B 160 -25.00 -15.85 -11.59
C PHE B 160 -23.87 -14.81 -11.41
N ALA B 161 -23.93 -13.70 -12.19
CA ALA B 161 -22.92 -12.66 -11.99
C ALA B 161 -23.13 -12.11 -10.59
N LEU B 162 -24.40 -11.94 -10.17
CA LEU B 162 -24.67 -11.45 -8.81
C LEU B 162 -24.02 -12.29 -7.74
N GLU B 163 -24.17 -13.60 -7.76
CA GLU B 163 -23.63 -14.53 -6.79
C GLU B 163 -22.14 -14.38 -6.59
N GLY B 164 -21.38 -14.43 -7.69
CA GLY B 164 -19.92 -14.33 -7.56
C GLY B 164 -19.49 -12.97 -7.02
N LEU B 165 -20.19 -11.92 -7.47
CA LEU B 165 -19.96 -10.54 -7.06
C LEU B 165 -20.17 -10.46 -5.57
N CYS B 166 -21.33 -11.01 -5.12
CA CYS B 166 -21.58 -10.96 -3.69
C CYS B 166 -20.72 -11.95 -2.96
N GLU B 167 -20.52 -13.11 -3.55
CA GLU B 167 -19.69 -14.07 -2.85
C GLU B 167 -18.30 -13.50 -2.58
N SER B 168 -17.83 -12.73 -3.54
CA SER B 168 -16.54 -12.05 -3.47
C SER B 168 -16.48 -11.04 -2.34
N LEU B 169 -17.44 -10.12 -2.18
CA LEU B 169 -17.36 -9.15 -1.09
C LEU B 169 -17.50 -9.81 0.26
N ALA B 170 -18.36 -10.85 0.30
CA ALA B 170 -18.63 -11.62 1.52
C ALA B 170 -17.33 -12.03 2.18
N VAL B 171 -16.33 -12.49 1.45
CA VAL B 171 -15.05 -12.86 2.02
C VAL B 171 -14.25 -11.69 2.55
N LEU B 172 -14.16 -10.57 1.81
CA LEU B 172 -13.41 -9.39 2.22
C LEU B 172 -14.00 -8.65 3.41
N LEU B 173 -15.28 -8.25 3.21
CA LEU B 173 -16.09 -7.51 4.15
C LEU B 173 -16.12 -8.12 5.57
N LEU B 174 -15.89 -9.42 5.66
CA LEU B 174 -15.94 -10.16 6.90
C LEU B 174 -15.48 -9.25 8.01
N PRO B 175 -14.19 -9.02 8.09
CA PRO B 175 -13.56 -8.21 9.07
C PRO B 175 -14.10 -6.83 9.22
N PHE B 176 -14.78 -6.17 8.33
CA PHE B 176 -15.15 -4.79 8.66
C PHE B 176 -16.48 -4.68 9.34
N GLY B 177 -17.02 -5.71 9.96
CA GLY B 177 -18.35 -5.54 10.55
C GLY B 177 -19.45 -5.65 9.51
N VAL B 178 -19.26 -5.50 8.21
CA VAL B 178 -20.36 -5.57 7.25
C VAL B 178 -20.76 -6.96 6.89
N HIS B 179 -22.06 -7.18 6.64
CA HIS B 179 -22.50 -8.51 6.28
C HIS B 179 -23.28 -8.46 4.98
N LEU B 180 -23.09 -9.46 4.15
CA LEU B 180 -23.79 -9.54 2.87
C LEU B 180 -24.57 -10.85 2.77
N SER B 181 -25.73 -10.78 2.14
CA SER B 181 -26.62 -11.89 2.00
C SER B 181 -27.59 -11.86 0.83
N LEU B 182 -27.73 -13.03 0.17
CA LEU B 182 -28.68 -13.11 -0.86
C LEU B 182 -29.88 -13.95 -0.44
N ILE B 183 -31.01 -13.27 -0.68
CA ILE B 183 -32.30 -13.85 -0.47
C ILE B 183 -32.64 -14.51 -1.83
N GLU B 184 -32.29 -15.78 -1.93
CA GLU B 184 -32.52 -16.62 -3.08
C GLU B 184 -34.02 -16.95 -3.21
N CYS B 185 -34.56 -16.56 -4.38
CA CYS B 185 -35.98 -16.72 -4.67
C CYS B 185 -36.43 -17.65 -5.79
N GLY B 186 -37.71 -18.10 -5.72
CA GLY B 186 -38.21 -18.98 -6.82
C GLY B 186 -39.18 -18.07 -7.53
N PRO B 187 -40.05 -18.55 -8.35
CA PRO B 187 -41.11 -17.71 -8.96
C PRO B 187 -41.78 -16.84 -7.90
N VAL B 188 -42.12 -15.56 -8.15
CA VAL B 188 -42.78 -14.82 -7.03
C VAL B 188 -43.96 -14.08 -7.66
N HIS B 189 -45.21 -14.15 -7.20
CA HIS B 189 -46.23 -13.38 -7.95
C HIS B 189 -45.88 -11.91 -7.95
N THR B 190 -46.08 -11.22 -9.08
CA THR B 190 -45.65 -9.81 -9.15
C THR B 190 -44.06 -9.96 -9.05
N GLU B 202 -39.79 -11.09 -33.82
CA GLU B 202 -38.33 -11.18 -33.79
C GLU B 202 -37.92 -12.63 -33.53
N VAL B 203 -38.65 -13.30 -32.62
CA VAL B 203 -38.28 -14.69 -32.36
C VAL B 203 -38.29 -15.49 -33.64
N LEU B 204 -39.48 -15.70 -34.16
CA LEU B 204 -39.66 -16.46 -35.39
C LEU B 204 -38.62 -16.10 -36.44
N ASP B 205 -38.37 -14.81 -36.63
CA ASP B 205 -37.39 -14.36 -37.60
C ASP B 205 -35.97 -14.72 -37.16
N ARG B 206 -35.63 -14.42 -35.88
CA ARG B 206 -34.29 -14.72 -35.40
C ARG B 206 -33.89 -16.10 -34.96
N THR B 207 -34.78 -17.14 -35.09
CA THR B 207 -34.33 -18.49 -34.74
C THR B 207 -34.77 -19.63 -35.62
N ASP B 208 -34.27 -20.85 -35.54
CA ASP B 208 -34.65 -22.00 -36.37
C ASP B 208 -35.69 -22.95 -35.75
N ILE B 209 -36.61 -23.45 -36.56
CA ILE B 209 -37.69 -24.38 -36.24
C ILE B 209 -37.55 -25.16 -34.96
N HIS B 210 -36.67 -26.16 -34.91
CA HIS B 210 -36.48 -26.93 -33.68
C HIS B 210 -36.28 -26.02 -32.49
N THR B 211 -35.30 -25.10 -32.58
CA THR B 211 -35.14 -24.16 -31.44
C THR B 211 -36.50 -23.53 -31.12
N PHE B 212 -37.28 -23.12 -32.11
CA PHE B 212 -38.56 -22.48 -32.02
C PHE B 212 -39.63 -23.18 -31.22
N HIS B 213 -39.81 -24.47 -31.46
CA HIS B 213 -40.77 -25.31 -30.75
C HIS B 213 -40.33 -25.49 -29.32
N ARG B 214 -39.08 -25.86 -29.05
CA ARG B 214 -38.61 -26.02 -27.65
C ARG B 214 -38.94 -24.81 -26.80
N PHE B 215 -38.65 -23.71 -27.49
CA PHE B 215 -38.90 -22.40 -26.96
C PHE B 215 -40.36 -22.35 -26.56
N TYR B 216 -41.30 -22.56 -27.45
CA TYR B 216 -42.72 -22.60 -27.13
C TYR B 216 -43.13 -23.71 -26.16
N GLN B 217 -42.42 -24.86 -26.22
CA GLN B 217 -42.77 -25.94 -25.31
C GLN B 217 -42.39 -25.48 -23.89
N TYR B 218 -41.23 -24.82 -23.77
CA TYR B 218 -40.66 -24.34 -22.54
C TYR B 218 -41.52 -23.33 -21.80
N LEU B 219 -41.99 -22.40 -22.61
CA LEU B 219 -42.85 -21.32 -22.15
C LEU B 219 -44.10 -21.90 -21.48
N ALA B 220 -44.84 -22.66 -22.25
CA ALA B 220 -46.07 -23.24 -21.78
C ALA B 220 -45.96 -23.96 -20.46
N LEU B 221 -44.93 -24.80 -20.31
CA LEU B 221 -44.69 -25.58 -19.09
C LEU B 221 -44.36 -24.63 -17.93
N SER B 222 -43.51 -23.67 -18.28
CA SER B 222 -43.04 -22.66 -17.36
C SER B 222 -44.17 -21.84 -16.78
N LYS B 223 -45.11 -21.35 -17.57
CA LYS B 223 -46.24 -20.65 -16.91
C LYS B 223 -46.98 -21.62 -16.00
N GLN B 224 -47.00 -22.95 -16.27
CA GLN B 224 -47.74 -23.81 -15.34
C GLN B 224 -47.01 -23.83 -13.99
N VAL B 225 -45.69 -24.04 -14.01
CA VAL B 225 -44.88 -24.17 -12.84
C VAL B 225 -44.76 -22.95 -11.95
N PHE B 226 -44.88 -21.78 -12.53
CA PHE B 226 -44.80 -20.50 -11.83
C PHE B 226 -46.04 -20.46 -10.94
N ARG B 227 -47.20 -20.59 -11.60
CA ARG B 227 -48.41 -20.64 -10.82
C ARG B 227 -48.18 -21.81 -9.83
N GLU B 228 -47.74 -23.00 -10.20
CA GLU B 228 -47.59 -23.96 -9.10
C GLU B 228 -46.70 -23.44 -7.98
N ALA B 229 -45.54 -22.88 -8.29
CA ALA B 229 -44.55 -22.42 -7.36
C ALA B 229 -44.68 -21.07 -6.72
N ALA B 230 -44.86 -20.07 -7.56
CA ALA B 230 -44.91 -18.69 -7.12
C ALA B 230 -45.44 -18.45 -5.72
N GLN B 231 -44.65 -17.75 -4.89
CA GLN B 231 -45.02 -17.37 -3.54
C GLN B 231 -45.45 -15.87 -3.60
N ASN B 232 -45.72 -15.28 -2.44
CA ASN B 232 -46.07 -13.88 -2.37
C ASN B 232 -44.88 -13.02 -1.98
N PRO B 233 -44.91 -11.75 -2.33
CA PRO B 233 -43.85 -10.83 -1.93
C PRO B 233 -43.80 -10.85 -0.40
N GLU B 234 -44.98 -10.80 0.21
CA GLU B 234 -45.20 -10.83 1.65
C GLU B 234 -44.30 -11.93 2.18
N GLU B 235 -44.40 -13.11 1.60
CA GLU B 235 -43.49 -14.17 2.04
C GLU B 235 -42.01 -13.83 1.80
N VAL B 236 -41.60 -13.34 0.62
CA VAL B 236 -40.17 -13.08 0.44
C VAL B 236 -39.65 -12.10 1.46
N ALA B 237 -40.41 -10.99 1.64
CA ALA B 237 -39.97 -9.99 2.62
C ALA B 237 -39.80 -10.62 3.99
N GLU B 238 -40.61 -11.63 4.32
CA GLU B 238 -40.41 -12.27 5.60
C GLU B 238 -39.03 -12.91 5.66
N VAL B 239 -38.50 -13.46 4.54
CA VAL B 239 -37.14 -14.00 4.64
C VAL B 239 -36.13 -12.87 4.78
N PHE B 240 -36.31 -11.79 4.02
CA PHE B 240 -35.39 -10.65 4.17
C PHE B 240 -35.31 -10.27 5.65
N LEU B 241 -36.45 -10.02 6.28
CA LEU B 241 -36.57 -9.66 7.68
C LEU B 241 -35.84 -10.59 8.66
N THR B 242 -36.07 -11.90 8.48
CA THR B 242 -35.39 -12.90 9.30
C THR B 242 -33.88 -12.56 9.20
N ALA B 243 -33.39 -12.67 7.95
CA ALA B 243 -31.99 -12.37 7.66
C ALA B 243 -31.54 -11.10 8.37
N LEU B 244 -32.37 -10.05 8.19
CA LEU B 244 -32.06 -8.74 8.78
C LEU B 244 -31.91 -8.90 10.28
N ARG B 245 -32.67 -9.77 10.92
CA ARG B 245 -32.42 -9.89 12.37
C ARG B 245 -31.34 -10.87 12.73
N ALA B 246 -30.80 -11.71 11.83
CA ALA B 246 -29.73 -12.61 12.16
C ALA B 246 -28.49 -11.89 12.68
N PRO B 247 -28.14 -12.27 13.88
CA PRO B 247 -26.93 -11.74 14.53
C PRO B 247 -25.82 -12.32 13.66
N LYS B 248 -25.95 -13.62 13.26
CA LYS B 248 -24.88 -14.13 12.36
C LYS B 248 -25.49 -14.58 11.04
N PRO B 249 -25.75 -13.57 10.22
CA PRO B 249 -26.40 -13.73 8.92
C PRO B 249 -25.49 -14.31 7.86
N THR B 250 -25.95 -15.43 7.34
CA THR B 250 -25.19 -16.12 6.34
C THR B 250 -25.16 -15.43 4.99
N LEU B 251 -24.38 -15.97 4.05
CA LEU B 251 -24.29 -15.45 2.68
C LEU B 251 -25.57 -15.70 1.89
N ARG B 252 -26.30 -16.74 2.19
CA ARG B 252 -27.54 -17.04 1.51
C ARG B 252 -28.63 -17.36 2.52
N TYR B 253 -29.83 -17.08 2.10
CA TYR B 253 -31.06 -17.36 2.86
C TYR B 253 -32.00 -17.93 1.81
N PHE B 254 -32.91 -18.85 2.06
CA PHE B 254 -33.75 -19.26 0.93
C PHE B 254 -35.23 -19.07 1.30
N THR B 255 -35.97 -18.60 0.30
CA THR B 255 -37.38 -18.35 0.55
C THR B 255 -38.14 -19.66 0.39
N THR B 256 -37.48 -20.72 -0.08
CA THR B 256 -38.16 -21.99 -0.24
C THR B 256 -37.28 -23.21 -0.39
N GLU B 257 -37.79 -24.44 -0.18
CA GLU B 257 -36.91 -25.59 -0.36
C GLU B 257 -37.27 -26.46 -1.52
N ARG B 258 -38.20 -25.99 -2.36
CA ARG B 258 -38.57 -26.67 -3.59
C ARG B 258 -37.29 -26.96 -4.37
N PHE B 259 -36.44 -25.95 -4.57
CA PHE B 259 -35.20 -26.11 -5.34
C PHE B 259 -34.02 -26.54 -4.52
N LEU B 260 -34.25 -27.14 -3.31
CA LEU B 260 -33.05 -27.60 -2.62
C LEU B 260 -32.45 -28.88 -3.14
N PRO B 261 -33.29 -29.83 -3.51
CA PRO B 261 -32.85 -31.13 -4.04
C PRO B 261 -31.97 -30.82 -5.24
N LEU B 262 -32.57 -30.25 -6.27
CA LEU B 262 -31.84 -29.87 -7.49
C LEU B 262 -30.55 -29.17 -7.08
N LEU B 263 -30.73 -28.19 -6.16
CA LEU B 263 -29.51 -27.55 -5.71
C LEU B 263 -28.44 -28.58 -5.34
N ARG B 264 -28.78 -29.47 -4.40
CA ARG B 264 -27.85 -30.48 -3.91
C ARG B 264 -27.35 -31.42 -4.97
N MET B 265 -28.16 -31.62 -5.99
CA MET B 265 -27.73 -32.45 -7.16
C MET B 265 -26.53 -31.80 -7.85
N ARG B 266 -26.77 -30.58 -8.32
CA ARG B 266 -25.77 -29.71 -8.97
C ARG B 266 -24.48 -29.77 -8.16
N LEU B 267 -24.52 -29.37 -6.88
CA LEU B 267 -23.25 -29.47 -6.12
C LEU B 267 -22.71 -30.88 -6.03
N ASP B 268 -23.38 -31.91 -6.55
CA ASP B 268 -22.91 -33.26 -6.38
C ASP B 268 -22.08 -33.77 -7.53
N ASP B 269 -22.27 -33.24 -8.73
CA ASP B 269 -21.50 -33.74 -9.90
C ASP B 269 -20.89 -32.52 -10.57
N PRO B 270 -19.69 -32.18 -10.15
CA PRO B 270 -18.85 -31.09 -10.59
C PRO B 270 -18.75 -30.96 -12.09
N SER B 271 -18.80 -32.05 -12.85
CA SER B 271 -18.79 -31.92 -14.30
C SER B 271 -20.06 -31.33 -14.89
N GLY B 272 -21.14 -31.04 -14.15
CA GLY B 272 -22.31 -30.42 -14.72
C GLY B 272 -23.16 -31.35 -15.55
N SER B 273 -22.70 -32.57 -15.78
CA SER B 273 -23.45 -33.53 -16.57
C SER B 273 -24.78 -33.89 -15.96
N ASN B 274 -24.86 -34.50 -14.78
CA ASN B 274 -26.15 -34.83 -14.20
C ASN B 274 -27.22 -33.76 -14.30
N TYR B 275 -26.92 -32.57 -13.80
CA TYR B 275 -27.78 -31.43 -13.82
C TYR B 275 -28.32 -31.22 -15.24
N VAL B 276 -27.38 -31.08 -16.15
CA VAL B 276 -27.85 -30.84 -17.54
C VAL B 276 -28.89 -31.89 -17.86
N THR B 277 -28.61 -33.15 -17.59
CA THR B 277 -29.62 -34.20 -17.89
C THR B 277 -30.85 -33.96 -17.06
N ALA B 278 -30.76 -34.05 -15.73
CA ALA B 278 -31.93 -33.81 -14.90
C ALA B 278 -32.82 -32.68 -15.41
N MET B 279 -32.23 -31.50 -15.59
CA MET B 279 -32.91 -30.32 -16.05
C MET B 279 -33.44 -30.47 -17.44
N HIS B 280 -32.70 -30.94 -18.44
CA HIS B 280 -33.25 -31.14 -19.77
C HIS B 280 -34.55 -31.95 -19.68
N ARG B 281 -34.44 -33.00 -18.89
CA ARG B 281 -35.50 -33.97 -18.55
C ARG B 281 -36.71 -33.23 -18.00
N GLU B 282 -36.51 -32.53 -16.90
CA GLU B 282 -37.49 -31.74 -16.25
C GLU B 282 -38.26 -30.77 -17.15
N VAL B 283 -37.65 -30.14 -18.14
CA VAL B 283 -38.34 -29.12 -18.93
C VAL B 283 -38.97 -29.76 -20.13
N PHE B 284 -38.31 -30.82 -20.61
CA PHE B 284 -38.80 -31.47 -21.82
C PHE B 284 -39.30 -32.89 -21.65
N GLY B 285 -39.58 -33.34 -20.41
CA GLY B 285 -40.07 -34.73 -20.20
C GLY B 285 -39.36 -35.60 -21.21
N ASP B 286 -40.11 -36.21 -22.11
CA ASP B 286 -39.64 -37.08 -23.16
C ASP B 286 -38.17 -36.98 -23.55
N ALA C 1 34.58 33.41 -14.56
CA ALA C 1 34.34 34.69 -13.79
C ALA C 1 35.25 34.94 -12.58
N ARG C 2 34.62 35.35 -11.44
CA ARG C 2 35.47 35.67 -10.32
C ARG C 2 35.14 34.99 -9.04
N THR C 3 33.92 34.86 -8.53
CA THR C 3 33.70 34.10 -7.28
C THR C 3 33.51 32.63 -7.59
N VAL C 4 34.37 31.74 -7.12
CA VAL C 4 34.18 30.33 -7.50
C VAL C 4 33.30 29.58 -6.52
N VAL C 5 32.32 28.88 -7.08
CA VAL C 5 31.41 28.07 -6.28
C VAL C 5 31.52 26.59 -6.60
N LEU C 6 31.44 25.68 -5.67
CA LEU C 6 31.38 24.24 -5.88
C LEU C 6 30.08 23.71 -5.22
N ILE C 7 29.15 23.17 -6.01
CA ILE C 7 27.92 22.64 -5.40
C ILE C 7 27.92 21.13 -5.56
N THR C 8 27.55 20.38 -4.53
CA THR C 8 27.46 18.91 -4.63
C THR C 8 26.01 18.55 -4.95
N GLY C 9 25.79 17.57 -5.81
CA GLY C 9 24.43 17.16 -6.10
C GLY C 9 23.69 17.94 -7.15
N CYS C 10 24.33 18.34 -8.26
CA CYS C 10 23.57 19.09 -9.26
C CYS C 10 22.82 18.33 -10.34
N SER C 11 22.70 16.98 -10.27
CA SER C 11 21.98 16.29 -11.30
C SER C 11 20.56 16.76 -11.38
N SER C 12 19.92 17.12 -10.31
CA SER C 12 18.49 17.52 -10.42
C SER C 12 18.20 18.32 -9.16
N GLY C 13 17.05 18.88 -8.90
CA GLY C 13 16.65 19.57 -7.71
C GLY C 13 17.26 20.86 -7.27
N ILE C 14 17.45 21.01 -5.93
CA ILE C 14 18.04 22.23 -5.39
C ILE C 14 19.41 22.40 -6.07
N GLY C 15 20.16 21.32 -6.28
CA GLY C 15 21.45 21.39 -6.90
C GLY C 15 21.49 21.79 -8.36
N LEU C 16 20.68 21.17 -9.23
CA LEU C 16 20.76 21.59 -10.62
C LEU C 16 20.38 23.06 -10.64
N HIS C 17 19.26 23.37 -10.00
CA HIS C 17 18.81 24.74 -9.91
C HIS C 17 19.73 25.74 -9.30
N LEU C 18 20.31 25.58 -8.10
CA LEU C 18 21.19 26.66 -7.61
C LEU C 18 22.24 26.98 -8.68
N ALA C 19 22.91 25.92 -9.09
CA ALA C 19 23.97 25.85 -10.04
C ALA C 19 23.81 26.82 -11.21
N VAL C 20 22.75 26.54 -11.99
CA VAL C 20 22.52 27.38 -13.14
C VAL C 20 22.06 28.75 -12.71
N ARG C 21 21.28 28.87 -11.62
CA ARG C 21 20.94 30.28 -11.27
C ARG C 21 22.27 31.02 -11.19
N LEU C 22 23.10 30.47 -10.30
CA LEU C 22 24.44 31.00 -10.13
C LEU C 22 25.10 31.17 -11.50
N ALA C 23 25.23 30.17 -12.38
CA ALA C 23 25.88 30.47 -13.64
C ALA C 23 25.19 31.45 -14.57
N SER C 24 23.89 31.72 -14.50
CA SER C 24 23.26 32.66 -15.42
C SER C 24 23.05 34.02 -14.79
N ASP C 25 23.52 34.21 -13.56
CA ASP C 25 23.31 35.50 -12.95
C ASP C 25 23.82 36.65 -13.82
N PRO C 26 22.93 37.60 -14.05
CA PRO C 26 23.12 38.83 -14.78
C PRO C 26 24.52 39.42 -14.70
N SER C 27 25.01 39.50 -13.47
CA SER C 27 26.26 40.00 -12.97
C SER C 27 27.47 39.23 -13.46
N GLN C 28 27.17 38.04 -13.99
CA GLN C 28 28.27 37.19 -14.41
C GLN C 28 29.41 37.25 -13.42
N SER C 29 29.17 37.07 -12.10
CA SER C 29 30.30 37.12 -11.16
C SER C 29 30.92 35.80 -10.73
N PHE C 30 30.17 34.70 -10.68
CA PHE C 30 30.57 33.39 -10.25
C PHE C 30 30.91 32.37 -11.32
N LYS C 31 31.90 31.55 -11.12
CA LYS C 31 32.14 30.43 -12.07
C LYS C 31 31.68 29.24 -11.24
N VAL C 32 30.75 28.50 -11.76
CA VAL C 32 30.16 27.40 -11.00
C VAL C 32 30.72 26.05 -11.38
N TYR C 33 31.17 25.30 -10.37
CA TYR C 33 31.64 23.92 -10.43
C TYR C 33 30.45 23.07 -9.91
N ALA C 34 29.60 22.63 -10.82
CA ALA C 34 28.41 21.82 -10.58
C ALA C 34 28.84 20.35 -10.55
N THR C 35 29.00 19.79 -9.35
CA THR C 35 29.46 18.40 -9.40
C THR C 35 28.24 17.50 -9.30
N LEU C 36 28.38 16.36 -9.97
CA LEU C 36 27.41 15.27 -10.05
C LEU C 36 28.08 13.98 -9.56
N ARG C 37 27.27 13.10 -9.00
CA ARG C 37 27.88 11.85 -8.45
C ARG C 37 28.19 10.97 -9.65
N ASP C 38 27.20 10.97 -10.57
CA ASP C 38 27.46 10.24 -11.79
C ASP C 38 27.26 11.15 -12.98
N LEU C 39 28.34 11.72 -13.52
CA LEU C 39 28.41 12.61 -14.67
C LEU C 39 27.49 12.16 -15.78
N LYS C 40 27.29 10.84 -15.91
CA LYS C 40 26.43 10.20 -16.88
C LYS C 40 25.11 10.94 -16.90
N THR C 41 24.68 11.48 -15.78
CA THR C 41 23.44 12.18 -15.59
C THR C 41 23.33 13.64 -15.89
N GLN C 42 24.37 14.21 -16.47
CA GLN C 42 24.49 15.63 -16.72
C GLN C 42 23.78 16.31 -17.83
N GLY C 43 23.03 15.62 -18.68
CA GLY C 43 22.35 16.32 -19.76
C GLY C 43 21.41 17.37 -19.19
N ARG C 44 20.51 16.88 -18.31
CA ARG C 44 19.54 17.76 -17.66
C ARG C 44 20.20 19.05 -17.21
N LEU C 45 21.21 19.09 -16.37
CA LEU C 45 21.88 20.35 -16.00
C LEU C 45 22.39 21.11 -17.23
N TRP C 46 22.83 20.40 -18.28
CA TRP C 46 23.37 21.17 -19.38
C TRP C 46 22.25 21.88 -20.07
N GLU C 47 21.28 21.06 -20.38
CA GLU C 47 20.06 21.52 -21.07
C GLU C 47 19.48 22.77 -20.45
N ALA C 48 19.50 22.78 -19.10
CA ALA C 48 18.99 23.88 -18.32
C ALA C 48 19.93 25.07 -18.35
N ALA C 49 21.22 24.79 -18.26
CA ALA C 49 22.15 25.95 -18.27
C ALA C 49 21.84 26.65 -19.59
N ARG C 50 21.84 25.78 -20.61
CA ARG C 50 21.52 26.23 -21.98
C ARG C 50 20.20 26.98 -21.84
N ALA C 51 19.19 26.31 -21.26
CA ALA C 51 17.98 27.07 -21.06
C ALA C 51 18.16 28.44 -20.44
N LEU C 52 19.15 28.72 -19.59
CA LEU C 52 19.22 30.04 -18.98
C LEU C 52 20.34 30.93 -19.47
N ALA C 53 20.81 30.76 -20.69
CA ALA C 53 21.85 31.62 -21.22
C ALA C 53 23.18 31.56 -20.50
N CYS C 54 23.43 30.59 -19.64
CA CYS C 54 24.71 30.57 -18.90
C CYS C 54 25.83 30.79 -19.89
N PRO C 55 26.45 31.95 -19.80
CA PRO C 55 27.57 32.32 -20.70
C PRO C 55 28.48 31.13 -20.64
N PRO C 56 29.29 30.83 -21.59
CA PRO C 56 30.16 29.67 -21.63
C PRO C 56 31.54 29.81 -21.04
N GLY C 57 31.71 29.12 -19.90
CA GLY C 57 32.99 29.12 -19.16
C GLY C 57 32.59 29.42 -17.71
N SER C 58 31.31 29.60 -17.54
CA SER C 58 30.53 29.88 -16.38
C SER C 58 30.33 28.69 -15.41
N LEU C 59 30.38 27.53 -16.06
CA LEU C 59 30.05 26.34 -15.29
C LEU C 59 30.67 25.20 -16.06
N GLU C 60 31.08 24.26 -15.23
CA GLU C 60 31.78 23.06 -15.68
C GLU C 60 31.23 22.02 -14.68
N THR C 61 31.00 20.82 -15.14
CA THR C 61 30.55 19.84 -14.15
C THR C 61 31.72 18.93 -13.79
N LEU C 62 31.77 18.41 -12.55
CA LEU C 62 32.87 17.50 -12.23
C LEU C 62 32.17 16.28 -11.61
N GLN C 63 32.86 15.18 -11.43
CA GLN C 63 32.30 14.04 -10.78
C GLN C 63 32.79 13.98 -9.31
N LEU C 64 31.81 14.01 -8.40
CA LEU C 64 31.99 13.96 -7.00
C LEU C 64 30.98 13.02 -6.35
N ASP C 65 31.59 12.06 -5.67
CA ASP C 65 30.76 11.12 -4.92
C ASP C 65 31.05 11.40 -3.45
N VAL C 66 30.11 11.99 -2.73
CA VAL C 66 30.35 12.31 -1.31
C VAL C 66 30.73 11.08 -0.54
N ARG C 67 30.31 9.93 -0.99
CA ARG C 67 30.61 8.64 -0.47
C ARG C 67 32.09 8.32 -0.63
N ASP C 68 32.68 8.90 -1.69
CA ASP C 68 34.09 8.57 -1.96
C ASP C 68 35.09 9.58 -1.49
N SER C 69 35.85 9.20 -0.47
CA SER C 69 36.93 10.15 -0.09
C SER C 69 37.74 10.50 -1.35
N LYS C 70 38.16 9.50 -2.16
CA LYS C 70 38.93 9.76 -3.36
C LYS C 70 38.14 10.64 -4.32
N SER C 71 36.89 10.35 -4.56
CA SER C 71 36.13 11.18 -5.45
C SER C 71 36.32 12.67 -5.15
N VAL C 72 36.29 13.01 -3.86
CA VAL C 72 36.39 14.40 -3.46
C VAL C 72 37.68 15.09 -3.73
N ALA C 73 38.80 14.50 -3.31
CA ALA C 73 40.08 15.17 -3.59
C ALA C 73 40.08 15.41 -5.10
N ALA C 74 39.75 14.29 -5.78
CA ALA C 74 39.62 14.35 -7.24
C ALA C 74 38.90 15.64 -7.63
N ALA C 75 37.59 15.79 -7.30
CA ALA C 75 36.93 17.03 -7.68
C ALA C 75 37.92 18.16 -7.39
N ARG C 76 38.09 18.42 -6.10
CA ARG C 76 38.97 19.47 -5.65
C ARG C 76 40.11 19.93 -6.55
N GLU C 77 41.00 19.02 -6.99
CA GLU C 77 42.16 19.23 -7.84
C GLU C 77 41.83 19.79 -9.21
N ARG C 78 40.61 19.49 -9.68
CA ARG C 78 40.12 19.97 -10.94
C ARG C 78 39.66 21.41 -10.73
N VAL C 79 39.75 22.01 -9.54
CA VAL C 79 39.36 23.42 -9.41
C VAL C 79 40.55 24.35 -9.72
N THR C 80 40.63 24.83 -10.97
CA THR C 80 41.67 25.58 -11.56
C THR C 80 42.18 26.85 -10.93
N GLU C 81 41.30 27.66 -10.40
CA GLU C 81 41.66 28.92 -9.78
C GLU C 81 42.55 28.68 -8.57
N GLY C 82 42.35 27.52 -7.93
CA GLY C 82 43.05 27.13 -6.73
C GLY C 82 42.27 27.69 -5.53
N ARG C 83 40.95 27.57 -5.53
CA ARG C 83 40.27 28.17 -4.38
C ARG C 83 38.79 27.92 -4.53
N VAL C 84 38.08 27.80 -3.44
CA VAL C 84 36.62 27.68 -3.65
C VAL C 84 36.11 28.86 -2.81
N ASP C 85 35.20 29.67 -3.31
CA ASP C 85 34.74 30.82 -2.53
C ASP C 85 33.47 30.53 -1.74
N VAL C 86 32.57 29.81 -2.38
CA VAL C 86 31.33 29.37 -1.82
C VAL C 86 31.27 27.86 -2.08
N LEU C 87 31.16 27.12 -1.00
CA LEU C 87 31.06 25.68 -0.92
C LEU C 87 29.59 25.30 -0.69
N VAL C 88 28.88 24.73 -1.67
CA VAL C 88 27.45 24.41 -1.39
C VAL C 88 27.23 22.93 -1.10
N CYS C 89 27.05 22.55 0.19
CA CYS C 89 26.86 21.12 0.46
C CYS C 89 25.40 20.74 0.32
N ASN C 90 25.05 20.18 -0.84
CA ASN C 90 23.71 19.79 -1.22
C ASN C 90 23.43 18.32 -1.31
N ALA C 91 24.31 17.39 -1.63
CA ALA C 91 23.99 15.99 -1.70
C ALA C 91 23.25 15.44 -0.49
N GLY C 92 22.18 14.70 -0.83
CA GLY C 92 21.33 14.10 0.18
C GLY C 92 20.43 13.01 -0.44
N LEU C 93 19.92 12.14 0.40
CA LEU C 93 19.07 11.02 0.07
C LEU C 93 18.02 11.00 1.22
N GLY C 94 16.82 10.59 1.05
CA GLY C 94 15.80 10.50 2.06
C GLY C 94 15.58 9.01 2.37
N LEU C 95 14.76 8.70 3.36
CA LEU C 95 14.49 7.32 3.77
C LEU C 95 13.30 7.33 4.72
N LEU C 96 12.17 6.88 4.20
CA LEU C 96 10.80 6.82 4.71
C LEU C 96 10.18 5.44 4.91
N GLY C 97 9.74 5.07 6.12
CA GLY C 97 9.11 3.83 6.45
C GLY C 97 9.17 3.41 7.90
N PRO C 98 8.39 2.42 8.29
CA PRO C 98 8.41 1.86 9.65
C PRO C 98 9.86 1.52 9.94
N LEU C 99 10.41 1.98 11.05
CA LEU C 99 11.81 1.88 11.42
C LEU C 99 12.50 0.53 11.27
N GLU C 100 11.77 -0.47 11.70
CA GLU C 100 12.07 -1.86 11.69
C GLU C 100 11.89 -2.44 10.29
N ALA C 101 11.39 -1.65 9.36
CA ALA C 101 11.21 -1.99 7.97
C ALA C 101 12.33 -1.40 7.10
N LEU C 102 13.22 -0.58 7.63
CA LEU C 102 14.31 -0.01 6.86
C LEU C 102 15.47 -0.99 6.67
N GLY C 103 16.05 -1.01 5.46
CA GLY C 103 17.18 -1.95 5.32
C GLY C 103 18.47 -1.47 5.93
N GLU C 104 19.27 -2.39 6.49
CA GLU C 104 20.54 -1.98 7.08
C GLU C 104 21.36 -1.17 6.10
N ASP C 105 21.39 -1.58 4.83
CA ASP C 105 22.23 -0.82 3.91
C ASP C 105 21.73 0.60 3.76
N ALA C 106 20.41 0.74 3.65
CA ALA C 106 19.86 2.07 3.47
C ALA C 106 20.26 2.95 4.62
N VAL C 107 20.09 2.50 5.87
CA VAL C 107 20.47 3.32 7.01
C VAL C 107 21.89 3.81 6.82
N ALA C 108 22.73 2.85 6.52
CA ALA C 108 24.11 3.15 6.19
C ALA C 108 24.19 4.17 5.05
N SER C 109 23.57 4.03 3.89
CA SER C 109 23.83 5.06 2.89
C SER C 109 23.48 6.45 3.35
N VAL C 110 22.26 6.64 3.78
CA VAL C 110 21.82 7.95 4.25
C VAL C 110 22.80 8.59 5.21
N LEU C 111 23.22 7.85 6.25
CA LEU C 111 24.20 8.41 7.17
C LEU C 111 25.51 8.66 6.50
N ASP C 112 25.92 7.80 5.58
CA ASP C 112 27.14 7.96 4.80
C ASP C 112 27.05 9.13 3.83
N VAL C 113 25.97 9.32 3.09
CA VAL C 113 25.76 10.44 2.19
C VAL C 113 25.48 11.75 2.92
N ASN C 114 24.36 11.81 3.64
CA ASN C 114 23.98 13.03 4.32
C ASN C 114 25.04 13.48 5.29
N VAL C 115 25.33 12.67 6.29
CA VAL C 115 26.32 13.07 7.29
C VAL C 115 27.77 13.07 6.94
N VAL C 116 28.33 11.87 6.78
CA VAL C 116 29.74 11.62 6.51
C VAL C 116 30.18 12.45 5.33
N GLY C 117 29.33 12.49 4.33
CA GLY C 117 29.46 13.18 3.07
C GLY C 117 29.81 14.62 3.30
N THR C 118 29.08 15.23 4.24
CA THR C 118 29.41 16.64 4.51
C THR C 118 30.74 16.66 5.22
N VAL C 119 30.94 15.71 6.15
CA VAL C 119 32.21 15.61 6.85
C VAL C 119 33.28 15.49 5.76
N ARG C 120 33.17 14.60 4.80
CA ARG C 120 34.17 14.49 3.77
C ARG C 120 34.37 15.77 2.98
N MET C 121 33.25 16.37 2.64
CA MET C 121 33.25 17.64 1.92
C MET C 121 34.00 18.67 2.76
N LEU C 122 33.44 19.11 3.88
CA LEU C 122 33.98 20.09 4.79
C LEU C 122 35.44 19.88 5.07
N GLN C 123 35.78 18.60 5.16
CA GLN C 123 37.14 18.12 5.35
C GLN C 123 38.02 18.52 4.16
N ALA C 124 37.56 18.44 2.92
CA ALA C 124 38.39 18.79 1.79
C ALA C 124 38.63 20.25 1.56
N PHE C 125 37.55 21.01 1.71
CA PHE C 125 37.65 22.43 1.37
C PHE C 125 37.72 23.36 2.54
N LEU C 126 37.37 22.96 3.77
CA LEU C 126 37.49 23.91 4.87
C LEU C 126 38.89 24.47 5.08
N PRO C 127 39.90 23.59 5.06
CA PRO C 127 41.27 23.89 5.28
C PRO C 127 41.84 25.07 4.53
N ASP C 128 41.77 25.12 3.19
CA ASP C 128 42.28 26.26 2.43
C ASP C 128 41.37 27.44 2.68
N MET C 129 40.08 27.32 2.96
CA MET C 129 39.34 28.54 3.29
C MET C 129 39.97 29.05 4.58
N LYS C 130 40.01 28.20 5.61
CA LYS C 130 40.67 28.72 6.85
C LYS C 130 41.92 29.50 6.42
N ARG C 131 42.92 29.01 5.71
CA ARG C 131 44.04 29.81 5.25
C ARG C 131 43.76 31.18 4.69
N ARG C 132 42.97 31.34 3.64
CA ARG C 132 42.63 32.60 2.98
C ARG C 132 42.00 33.62 3.93
N GLY C 133 41.33 33.07 4.94
CA GLY C 133 40.63 33.89 5.93
C GLY C 133 39.20 34.15 5.47
N SER C 134 38.85 33.78 4.27
CA SER C 134 37.62 33.94 3.55
C SER C 134 37.00 32.68 2.99
N GLY C 135 35.72 32.46 3.26
CA GLY C 135 35.15 31.26 2.59
C GLY C 135 33.68 31.17 2.93
N ARG C 136 32.92 30.58 2.00
CA ARG C 136 31.50 30.44 2.30
C ARG C 136 31.07 29.02 2.13
N VAL C 137 30.40 28.49 3.13
CA VAL C 137 29.93 27.12 3.01
C VAL C 137 28.43 27.16 3.25
N LEU C 138 27.67 26.67 2.28
CA LEU C 138 26.22 26.62 2.40
C LEU C 138 25.82 25.14 2.43
N VAL C 139 24.93 24.80 3.36
CA VAL C 139 24.49 23.41 3.54
C VAL C 139 22.98 23.32 3.49
N THR C 140 22.35 22.41 2.76
CA THR C 140 20.90 22.33 2.71
C THR C 140 20.30 21.62 3.91
N GLY C 141 19.63 22.45 4.71
CA GLY C 141 19.01 21.98 5.95
C GLY C 141 17.60 21.50 5.72
N SER C 142 16.98 20.99 6.79
CA SER C 142 15.63 20.52 6.57
C SER C 142 14.80 20.81 7.79
N VAL C 143 13.49 20.95 7.60
CA VAL C 143 12.65 21.19 8.79
C VAL C 143 12.86 19.95 9.68
N GLY C 144 13.09 18.83 9.01
CA GLY C 144 13.41 17.59 9.63
C GLY C 144 14.79 17.57 10.32
N GLY C 145 15.46 18.71 10.37
CA GLY C 145 16.73 18.87 11.02
C GLY C 145 16.50 19.65 12.31
N LEU C 146 15.29 20.14 12.42
CA LEU C 146 14.83 20.95 13.55
C LEU C 146 13.92 20.17 14.48
N MET C 147 13.05 19.37 13.88
CA MET C 147 12.12 18.54 14.63
C MET C 147 11.96 17.13 14.08
N GLY C 148 11.98 16.09 14.91
CA GLY C 148 11.76 14.73 14.41
C GLY C 148 10.34 14.66 13.79
N LEU C 149 10.23 13.97 12.67
CA LEU C 149 9.00 13.74 11.91
C LEU C 149 8.73 12.22 11.89
N PRO C 150 7.52 11.80 12.20
CA PRO C 150 7.16 10.39 12.19
C PRO C 150 7.64 9.70 10.93
N PHE C 151 7.82 8.40 10.96
CA PHE C 151 8.28 7.55 9.87
C PHE C 151 9.41 8.10 9.08
N ASN C 152 10.25 8.94 9.64
CA ASN C 152 11.35 9.54 8.89
C ASN C 152 12.59 9.51 9.79
N ASP C 153 12.50 8.65 10.79
CA ASP C 153 13.51 8.42 11.79
C ASP C 153 14.94 8.61 11.33
N VAL C 154 15.52 7.67 10.59
CA VAL C 154 16.88 7.79 10.11
C VAL C 154 17.07 9.06 9.31
N TYR C 155 16.13 9.46 8.46
CA TYR C 155 16.36 10.71 7.70
C TYR C 155 16.60 11.86 8.68
N CYS C 156 15.64 12.03 9.57
CA CYS C 156 15.65 13.03 10.63
C CYS C 156 16.93 12.94 11.42
N ALA C 157 17.29 11.74 11.85
CA ALA C 157 18.57 11.57 12.54
C ALA C 157 19.70 12.18 11.74
N SER C 158 19.75 12.04 10.40
CA SER C 158 20.88 12.63 9.71
C SER C 158 20.67 14.10 9.48
N LYS C 159 19.45 14.61 9.51
CA LYS C 159 19.46 16.10 9.32
C LYS C 159 19.88 16.69 10.64
N PHE C 160 19.38 16.12 11.76
CA PHE C 160 19.78 16.62 13.05
C PHE C 160 21.30 16.42 13.19
N ALA C 161 21.90 15.41 12.56
CA ALA C 161 23.34 15.28 12.66
C ALA C 161 23.99 16.47 11.95
N LEU C 162 23.43 16.91 10.85
CA LEU C 162 23.95 18.03 10.11
C LEU C 162 23.90 19.37 10.81
N GLU C 163 22.93 19.56 11.73
CA GLU C 163 22.85 20.83 12.48
C GLU C 163 23.91 20.78 13.56
N GLY C 164 24.05 19.64 14.19
CA GLY C 164 25.08 19.44 15.22
C GLY C 164 26.46 19.58 14.61
N LEU C 165 26.70 18.93 13.49
CA LEU C 165 27.97 19.10 12.80
C LEU C 165 28.17 20.59 12.50
N CYS C 166 27.20 21.15 11.77
CA CYS C 166 27.35 22.53 11.36
C CYS C 166 27.58 23.52 12.46
N GLU C 167 26.73 23.58 13.45
CA GLU C 167 26.81 24.49 14.58
C GLU C 167 28.02 24.27 15.44
N SER C 168 28.56 23.05 15.33
CA SER C 168 29.73 22.67 16.09
C SER C 168 30.86 23.49 15.47
N LEU C 169 30.88 23.41 14.15
CA LEU C 169 31.90 24.12 13.40
C LEU C 169 31.71 25.61 13.48
N ALA C 170 30.44 26.02 13.57
CA ALA C 170 30.13 27.45 13.62
C ALA C 170 31.02 28.07 14.69
N VAL C 171 30.92 27.43 15.84
CA VAL C 171 31.67 27.90 16.99
C VAL C 171 33.12 28.01 16.68
N LEU C 172 33.70 27.09 15.96
CA LEU C 172 35.13 27.24 15.73
C LEU C 172 35.50 28.27 14.69
N LEU C 173 34.74 28.40 13.62
CA LEU C 173 35.00 29.25 12.48
C LEU C 173 34.89 30.77 12.57
N LEU C 174 34.12 31.22 13.57
CA LEU C 174 33.88 32.64 13.79
C LEU C 174 35.17 33.37 13.47
N PRO C 175 36.15 33.24 14.36
CA PRO C 175 37.49 33.76 14.26
C PRO C 175 38.20 33.63 12.91
N PHE C 176 37.82 32.72 12.03
CA PHE C 176 38.58 32.67 10.80
C PHE C 176 37.98 33.49 9.67
N GLY C 177 36.72 33.93 9.81
CA GLY C 177 36.14 34.73 8.72
C GLY C 177 35.48 33.82 7.69
N VAL C 178 35.57 32.53 7.91
CA VAL C 178 34.98 31.47 7.08
C VAL C 178 33.53 31.44 7.56
N HIS C 179 32.52 31.60 6.71
CA HIS C 179 31.14 31.58 7.21
C HIS C 179 30.36 30.33 6.82
N LEU C 180 29.54 29.76 7.71
CA LEU C 180 28.73 28.58 7.54
C LEU C 180 27.26 28.84 7.84
N SER C 181 26.38 28.56 6.91
CA SER C 181 24.96 28.74 7.06
C SER C 181 24.16 27.53 6.62
N LEU C 182 23.18 27.15 7.43
CA LEU C 182 22.30 26.04 7.02
C LEU C 182 21.08 26.73 6.40
N ILE C 183 20.56 26.37 5.24
CA ILE C 183 19.38 26.95 4.58
C ILE C 183 18.16 26.01 4.84
N GLU C 184 17.48 26.25 5.92
CA GLU C 184 16.39 25.36 6.31
C GLU C 184 15.26 25.30 5.34
N CYS C 185 15.04 24.19 4.63
CA CYS C 185 13.89 24.16 3.74
C CYS C 185 12.69 23.40 4.31
N GLY C 186 11.55 23.68 3.72
CA GLY C 186 10.31 22.92 4.07
C GLY C 186 10.10 22.01 2.85
N PRO C 187 8.96 21.40 2.70
CA PRO C 187 8.73 20.53 1.53
C PRO C 187 9.16 21.30 0.29
N VAL C 188 9.79 20.64 -0.64
CA VAL C 188 10.26 21.23 -1.89
C VAL C 188 9.90 20.22 -3.00
N HIS C 189 9.36 20.78 -4.07
CA HIS C 189 8.98 19.98 -5.24
C HIS C 189 10.18 19.44 -5.97
N THR C 190 10.66 18.23 -5.62
CA THR C 190 11.87 17.73 -6.23
C THR C 190 11.87 16.25 -6.51
N ALA C 191 10.90 15.40 -6.19
CA ALA C 191 11.12 13.95 -6.53
C ALA C 191 12.21 13.23 -5.74
N PHE C 192 12.77 13.92 -4.79
CA PHE C 192 13.65 13.48 -3.76
C PHE C 192 12.79 12.51 -2.92
N MET C 193 11.51 12.82 -2.74
CA MET C 193 10.57 11.89 -2.14
C MET C 193 10.33 10.73 -3.13
N GLU C 194 10.13 11.17 -4.38
CA GLU C 194 9.91 10.14 -5.41
C GLU C 194 10.94 9.05 -5.24
N LYS C 195 12.25 9.25 -4.98
CA LYS C 195 13.04 8.01 -4.67
C LYS C 195 12.63 7.58 -3.24
N VAL C 196 11.39 7.11 -3.09
CA VAL C 196 10.77 6.83 -1.85
C VAL C 196 11.56 6.07 -0.80
N LEU C 197 10.99 4.91 -0.66
CA LEU C 197 11.18 3.72 0.04
C LEU C 197 10.14 2.74 -0.58
N GLY C 198 10.55 1.50 -0.56
CA GLY C 198 9.88 0.37 -1.15
C GLY C 198 8.38 0.40 -1.05
N SER C 199 7.82 -0.84 -1.10
CA SER C 199 6.33 -0.77 -1.07
C SER C 199 5.50 -1.64 -0.25
N PRO C 200 4.18 -1.48 -0.38
CA PRO C 200 3.17 -2.15 0.44
C PRO C 200 3.75 -3.53 0.72
N GLU C 201 3.89 -4.23 -0.39
CA GLU C 201 4.50 -5.53 -0.49
C GLU C 201 5.58 -5.54 0.59
N GLU C 202 6.65 -4.76 0.34
CA GLU C 202 7.74 -4.73 1.35
C GLU C 202 7.21 -4.43 2.75
N VAL C 203 6.88 -3.14 2.88
CA VAL C 203 6.33 -2.59 4.12
C VAL C 203 5.45 -3.58 4.84
N LEU C 204 4.41 -4.12 4.23
CA LEU C 204 3.46 -5.10 4.75
C LEU C 204 4.13 -6.32 5.38
N ASP C 205 5.11 -6.81 4.60
CA ASP C 205 5.78 -8.01 5.18
C ASP C 205 6.82 -7.57 6.17
N ARG C 206 6.94 -6.30 6.58
CA ARG C 206 7.97 -5.84 7.48
C ARG C 206 7.55 -5.22 8.79
N THR C 207 6.31 -4.87 8.96
CA THR C 207 5.90 -4.32 10.23
C THR C 207 4.53 -4.83 10.68
N ASP C 208 4.08 -4.28 11.81
CA ASP C 208 2.78 -4.61 12.37
C ASP C 208 1.69 -3.92 11.56
N ILE C 209 0.53 -4.51 11.67
CA ILE C 209 -0.65 -4.07 10.94
C ILE C 209 -1.04 -2.66 11.31
N HIS C 210 -0.87 -2.33 12.60
CA HIS C 210 -1.19 -1.01 13.12
C HIS C 210 -0.15 0.00 12.64
N THR C 211 1.09 -0.53 12.70
CA THR C 211 2.19 0.33 12.22
C THR C 211 1.88 0.54 10.74
N PHE C 212 1.64 -0.51 9.96
CA PHE C 212 1.30 -0.39 8.54
C PHE C 212 0.23 0.64 8.21
N HIS C 213 -0.84 0.67 8.99
CA HIS C 213 -1.92 1.62 8.78
C HIS C 213 -1.49 3.03 9.12
N ARG C 214 -0.81 3.25 10.23
CA ARG C 214 -0.34 4.61 10.56
C ARG C 214 0.52 5.17 9.45
N PHE C 215 1.35 4.32 8.86
CA PHE C 215 2.23 4.66 7.78
C PHE C 215 1.45 5.21 6.58
N TYR C 216 0.48 4.44 6.06
CA TYR C 216 -0.25 4.95 4.89
C TYR C 216 -1.00 6.20 5.23
N GLN C 217 -1.47 6.32 6.46
CA GLN C 217 -2.14 7.51 6.94
C GLN C 217 -1.16 8.65 6.82
N TYR C 218 0.06 8.46 7.35
CA TYR C 218 1.05 9.56 7.24
C TYR C 218 1.28 9.88 5.75
N LEU C 219 1.73 8.89 4.97
CA LEU C 219 1.89 9.08 3.54
C LEU C 219 0.66 9.77 2.96
N ALA C 220 -0.56 9.40 3.36
CA ALA C 220 -1.70 10.15 2.81
C ALA C 220 -1.45 11.64 3.07
N LEU C 221 -1.34 12.03 4.33
CA LEU C 221 -1.13 13.37 4.81
C LEU C 221 0.07 14.10 4.25
N SER C 222 1.30 13.63 4.48
CA SER C 222 2.49 14.25 3.90
C SER C 222 2.21 14.78 2.48
N LYS C 223 1.68 13.89 1.62
CA LYS C 223 1.32 14.18 0.23
C LYS C 223 0.54 15.48 0.19
N GLN C 224 -0.61 15.47 0.88
CA GLN C 224 -1.36 16.75 0.88
C GLN C 224 -0.45 17.84 1.37
N VAL C 225 0.13 17.82 2.57
CA VAL C 225 1.08 18.86 2.99
C VAL C 225 1.92 19.29 1.77
N PHE C 226 2.53 18.25 1.18
CA PHE C 226 3.36 18.46 0.03
C PHE C 226 2.67 19.27 -1.06
N ARG C 227 1.57 18.73 -1.62
CA ARG C 227 0.80 19.38 -2.67
C ARG C 227 0.37 20.77 -2.25
N GLU C 228 -0.02 20.93 -0.98
CA GLU C 228 -0.44 22.24 -0.53
C GLU C 228 0.71 23.12 -0.13
N ALA C 229 2.00 22.88 -0.31
CA ALA C 229 2.98 23.86 0.24
C ALA C 229 4.46 23.70 -0.12
N ALA C 230 4.83 22.61 -0.79
CA ALA C 230 6.23 22.47 -1.18
C ALA C 230 6.61 23.72 -2.00
N GLN C 231 7.81 24.23 -1.85
CA GLN C 231 8.22 25.39 -2.66
C GLN C 231 8.86 24.87 -3.96
N ASN C 232 9.32 25.75 -4.83
CA ASN C 232 10.06 25.27 -6.01
C ASN C 232 11.55 25.55 -5.88
N PRO C 233 12.33 24.60 -6.37
CA PRO C 233 13.79 24.63 -6.32
C PRO C 233 14.35 26.04 -6.49
N GLU C 234 13.79 26.66 -7.51
CA GLU C 234 14.04 27.99 -8.00
C GLU C 234 13.87 28.96 -6.85
N GLU C 235 12.77 28.83 -6.11
CA GLU C 235 12.64 29.76 -4.96
C GLU C 235 13.73 29.45 -3.92
N VAL C 236 13.86 28.15 -3.61
CA VAL C 236 14.87 27.68 -2.62
C VAL C 236 16.22 28.19 -3.10
N ALA C 237 16.48 27.94 -4.39
CA ALA C 237 17.69 28.40 -5.05
C ALA C 237 18.00 29.84 -4.62
N GLU C 238 17.02 30.75 -4.70
CA GLU C 238 17.16 32.10 -4.30
C GLU C 238 17.54 32.30 -2.84
N VAL C 239 17.02 31.52 -1.89
CA VAL C 239 17.47 31.77 -0.51
C VAL C 239 18.97 31.63 -0.41
N PHE C 240 19.57 30.59 -0.98
CA PHE C 240 21.00 30.41 -0.97
C PHE C 240 21.80 31.67 -1.29
N LEU C 241 21.38 32.40 -2.31
CA LEU C 241 21.98 33.62 -2.80
C LEU C 241 21.98 34.78 -1.80
N THR C 242 20.83 34.94 -1.14
CA THR C 242 20.71 35.98 -0.11
C THR C 242 21.80 35.65 0.94
N ALA C 243 21.73 34.38 1.36
CA ALA C 243 22.69 33.90 2.33
C ALA C 243 24.05 34.20 1.70
N LEU C 244 24.14 33.73 0.47
CA LEU C 244 25.37 33.86 -0.28
C LEU C 244 25.85 35.29 -0.30
N ARG C 245 24.92 36.22 -0.41
CA ARG C 245 25.24 37.63 -0.45
C ARG C 245 25.45 38.24 0.92
N ALA C 246 24.59 38.03 1.90
CA ALA C 246 24.74 38.55 3.25
C ALA C 246 26.18 38.84 3.68
N PRO C 247 26.48 40.08 3.96
CA PRO C 247 27.76 40.58 4.40
C PRO C 247 28.20 39.84 5.66
N LYS C 248 27.22 39.54 6.49
CA LYS C 248 27.57 38.80 7.72
C LYS C 248 26.42 37.81 7.87
N PRO C 249 26.62 36.63 7.29
CA PRO C 249 25.68 35.56 7.21
C PRO C 249 25.34 34.84 8.49
N THR C 250 24.08 34.68 8.88
CA THR C 250 23.73 33.94 10.07
C THR C 250 23.90 32.41 9.84
N LEU C 251 23.72 31.68 10.96
CA LEU C 251 23.89 30.25 10.90
C LEU C 251 22.75 29.58 10.16
N ARG C 252 21.58 30.23 10.21
CA ARG C 252 20.34 29.78 9.65
C ARG C 252 19.52 30.73 8.82
N TYR C 253 18.99 30.22 7.72
CA TYR C 253 18.14 30.98 6.80
C TYR C 253 16.93 30.07 6.59
N PHE C 254 15.72 30.57 6.72
CA PHE C 254 14.52 29.73 6.58
C PHE C 254 13.78 29.96 5.29
N THR C 255 13.69 28.98 4.39
CA THR C 255 13.04 29.17 3.10
C THR C 255 11.55 29.45 3.15
N THR C 256 10.94 29.21 4.27
CA THR C 256 9.47 29.42 4.36
C THR C 256 9.42 29.70 5.86
N GLU C 257 8.35 30.17 6.38
CA GLU C 257 8.19 30.42 7.83
C GLU C 257 7.00 29.59 8.32
N ARG C 258 6.55 28.72 7.40
CA ARG C 258 5.44 27.83 7.67
C ARG C 258 5.65 26.97 8.88
N PHE C 259 6.80 26.31 9.10
CA PHE C 259 7.03 25.48 10.31
C PHE C 259 7.35 26.33 11.54
N LEU C 260 7.80 27.59 11.31
CA LEU C 260 8.19 28.52 12.33
C LEU C 260 7.53 28.46 13.68
N PRO C 261 6.23 28.56 13.76
CA PRO C 261 5.49 28.47 15.00
C PRO C 261 5.76 27.07 15.54
N LEU C 262 5.47 26.02 14.78
CA LEU C 262 5.82 24.69 15.32
C LEU C 262 7.26 24.78 15.78
N LEU C 263 8.11 25.22 14.84
CA LEU C 263 9.52 25.41 15.23
C LEU C 263 9.65 26.02 16.60
N ARG C 264 8.96 27.11 16.93
CA ARG C 264 9.10 27.76 18.24
C ARG C 264 8.40 27.00 19.37
N MET C 265 7.29 26.31 19.04
CA MET C 265 6.58 25.60 20.12
C MET C 265 7.67 24.75 20.81
N ARG C 266 8.22 23.90 19.91
CA ARG C 266 9.31 23.03 20.29
C ARG C 266 10.25 23.80 21.24
N LEU C 267 10.87 24.81 20.60
CA LEU C 267 11.83 25.66 21.29
C LEU C 267 11.34 26.03 22.67
N ASP C 268 10.06 26.33 22.75
CA ASP C 268 9.44 26.73 24.00
C ASP C 268 9.22 25.64 25.00
N ASP C 269 9.21 24.34 24.68
CA ASP C 269 8.99 23.29 25.71
C ASP C 269 10.23 22.40 25.93
N PRO C 270 10.84 22.55 27.09
CA PRO C 270 12.04 21.86 27.53
C PRO C 270 12.09 20.35 27.38
N SER C 271 11.01 19.67 27.77
CA SER C 271 10.87 18.26 27.82
C SER C 271 10.42 17.67 26.51
N GLY C 272 10.12 18.51 25.56
CA GLY C 272 9.65 18.15 24.25
C GLY C 272 8.32 17.42 24.19
N SER C 273 7.65 17.23 25.31
CA SER C 273 6.37 16.51 25.34
C SER C 273 5.34 17.29 24.56
N ASN C 274 5.21 18.59 24.86
CA ASN C 274 4.27 19.39 24.11
C ASN C 274 4.37 18.99 22.63
N TYR C 275 5.50 19.40 22.05
CA TYR C 275 5.79 19.13 20.65
C TYR C 275 5.29 17.78 20.17
N VAL C 276 5.71 16.70 20.84
CA VAL C 276 5.29 15.37 20.43
C VAL C 276 3.80 15.27 20.30
N THR C 277 3.09 15.90 21.23
CA THR C 277 1.63 15.84 21.12
C THR C 277 1.19 16.60 19.89
N ALA C 278 1.66 17.83 19.81
CA ALA C 278 1.35 18.66 18.63
C ALA C 278 1.50 17.82 17.35
N MET C 279 2.76 17.49 17.04
CA MET C 279 3.08 16.71 15.85
C MET C 279 2.13 15.55 15.68
N HIS C 280 2.10 14.63 16.64
CA HIS C 280 1.24 13.47 16.59
C HIS C 280 -0.20 13.83 16.32
N ARG C 281 -0.72 14.88 16.98
CA ARG C 281 -2.14 15.24 16.66
C ARG C 281 -2.08 15.77 15.22
N GLU C 282 -1.02 16.58 14.96
CA GLU C 282 -0.88 17.11 13.66
C GLU C 282 -0.81 16.11 12.53
N VAL C 283 -0.21 14.94 12.79
CA VAL C 283 -0.12 14.00 11.65
C VAL C 283 -1.20 12.98 11.79
N PHE C 284 -1.46 12.46 12.97
CA PHE C 284 -2.54 11.46 13.03
C PHE C 284 -3.77 12.04 13.65
N GLY C 285 -4.15 13.29 13.39
CA GLY C 285 -5.39 13.79 14.06
C GLY C 285 -5.33 13.63 15.59
N ALA D 1 12.91 -11.87 37.91
CA ALA D 1 11.88 -10.87 38.39
C ALA D 1 10.77 -10.54 37.41
N ARG D 2 10.12 -9.36 37.54
CA ARG D 2 9.02 -9.05 36.60
C ARG D 2 9.36 -7.85 35.72
N THR D 3 9.75 -6.68 36.23
CA THR D 3 10.16 -5.68 35.24
C THR D 3 11.52 -6.09 34.61
N VAL D 4 11.44 -6.58 33.40
CA VAL D 4 12.58 -7.03 32.63
C VAL D 4 13.35 -5.89 31.98
N VAL D 5 14.55 -5.57 32.40
CA VAL D 5 15.30 -4.48 31.80
C VAL D 5 16.50 -4.91 30.99
N LEU D 6 16.73 -4.34 29.79
CA LEU D 6 17.95 -4.65 29.02
C LEU D 6 18.75 -3.35 28.79
N ILE D 7 20.01 -3.27 29.18
CA ILE D 7 20.83 -2.10 29.08
C ILE D 7 22.17 -2.45 28.40
N THR D 8 22.54 -1.58 27.48
CA THR D 8 23.80 -1.77 26.77
C THR D 8 24.86 -0.92 27.43
N GLY D 9 26.11 -1.18 27.14
CA GLY D 9 27.27 -0.49 27.69
C GLY D 9 27.19 -0.53 29.21
N CYS D 10 27.56 -1.65 29.84
CA CYS D 10 27.47 -1.78 31.25
C CYS D 10 28.72 -2.12 32.01
N SER D 11 29.88 -2.21 31.42
CA SER D 11 31.12 -2.53 32.10
C SER D 11 31.60 -1.48 33.08
N SER D 12 31.04 -0.30 32.95
CA SER D 12 31.37 0.86 33.77
C SER D 12 30.30 1.92 33.56
N GLY D 13 30.48 3.12 34.06
CA GLY D 13 29.61 4.24 33.96
C GLY D 13 28.17 4.11 34.37
N ILE D 14 27.34 4.78 33.54
CA ILE D 14 25.90 4.81 33.72
C ILE D 14 25.51 3.32 33.66
N GLY D 15 26.05 2.64 32.65
CA GLY D 15 25.77 1.23 32.46
C GLY D 15 25.91 0.40 33.72
N LEU D 16 27.10 0.39 34.33
CA LEU D 16 27.27 -0.36 35.57
C LEU D 16 26.41 0.22 36.69
N HIS D 17 26.32 1.53 36.95
CA HIS D 17 25.50 2.02 38.04
C HIS D 17 24.02 1.75 37.96
N LEU D 18 23.45 1.98 36.78
CA LEU D 18 22.04 1.83 36.50
C LEU D 18 21.66 0.35 36.60
N ALA D 19 22.54 -0.47 36.03
CA ALA D 19 22.27 -1.90 36.04
C ALA D 19 22.18 -2.44 37.46
N VAL D 20 23.21 -2.21 38.26
CA VAL D 20 23.15 -2.74 39.62
C VAL D 20 22.16 -1.98 40.48
N ARG D 21 21.91 -0.71 40.23
CA ARG D 21 21.02 0.13 41.00
C ARG D 21 19.58 -0.38 40.94
N LEU D 22 19.14 -0.86 39.77
CA LEU D 22 17.80 -1.40 39.61
C LEU D 22 17.63 -2.75 40.30
N ALA D 23 18.62 -3.62 40.03
CA ALA D 23 18.71 -4.99 40.53
C ALA D 23 18.56 -5.08 42.04
N SER D 24 19.24 -4.16 42.72
CA SER D 24 19.22 -4.05 44.16
C SER D 24 18.13 -3.11 44.63
N ASP D 25 17.36 -2.54 43.72
CA ASP D 25 16.30 -1.62 44.25
C ASP D 25 15.46 -2.39 45.23
N PRO D 26 14.95 -1.80 46.29
CA PRO D 26 14.16 -2.43 47.33
C PRO D 26 12.87 -3.07 46.94
N SER D 27 12.30 -2.70 45.78
CA SER D 27 11.05 -3.39 45.45
C SER D 27 11.29 -4.80 44.96
N GLN D 28 12.53 -5.20 44.74
CA GLN D 28 12.91 -6.51 44.23
C GLN D 28 12.12 -6.84 42.96
N SER D 29 11.91 -5.88 42.05
CA SER D 29 11.06 -6.17 40.88
C SER D 29 11.66 -6.08 39.51
N PHE D 30 12.84 -5.51 39.31
CA PHE D 30 13.55 -5.41 38.03
C PHE D 30 14.53 -6.58 37.78
N LYS D 31 14.33 -7.26 36.67
CA LYS D 31 15.25 -8.39 36.33
C LYS D 31 16.13 -7.76 35.26
N VAL D 32 17.43 -7.70 35.49
CA VAL D 32 18.36 -6.98 34.66
C VAL D 32 19.34 -7.70 33.79
N TYR D 33 19.13 -7.49 32.48
CA TYR D 33 20.03 -8.10 31.49
C TYR D 33 21.12 -7.08 31.26
N ALA D 34 22.16 -7.06 32.07
CA ALA D 34 23.24 -6.07 31.85
C ALA D 34 24.01 -6.56 30.62
N THR D 35 24.37 -5.68 29.72
CA THR D 35 25.06 -6.14 28.52
C THR D 35 26.44 -5.53 28.38
N LEU D 36 27.39 -6.37 27.99
CA LEU D 36 28.76 -5.90 27.84
C LEU D 36 29.25 -6.23 26.44
N ARG D 37 30.04 -5.33 25.92
CA ARG D 37 30.62 -5.49 24.59
C ARG D 37 31.68 -6.57 24.69
N ASP D 38 32.57 -6.52 25.68
CA ASP D 38 33.54 -7.61 25.84
C ASP D 38 33.44 -8.20 27.23
N LEU D 39 32.67 -9.28 27.50
CA LEU D 39 32.51 -9.89 28.78
C LEU D 39 33.79 -10.14 29.50
N LYS D 40 34.92 -10.05 28.84
CA LYS D 40 36.20 -10.24 29.48
C LYS D 40 36.41 -9.07 30.44
N THR D 41 35.55 -8.05 30.34
CA THR D 41 35.61 -6.88 31.19
C THR D 41 34.48 -6.80 32.19
N GLN D 42 33.83 -7.88 32.58
CA GLN D 42 32.74 -7.89 33.52
C GLN D 42 33.00 -7.81 35.00
N GLY D 43 34.22 -7.89 35.48
CA GLY D 43 34.49 -7.82 36.89
C GLY D 43 33.78 -6.82 37.75
N ARG D 44 34.14 -5.56 37.56
CA ARG D 44 33.57 -4.46 38.31
C ARG D 44 32.05 -4.57 38.48
N LEU D 45 31.34 -4.92 37.40
CA LEU D 45 29.90 -5.05 37.45
C LEU D 45 29.55 -6.12 38.48
N TRP D 46 30.09 -7.34 38.29
CA TRP D 46 29.73 -8.41 39.27
C TRP D 46 30.14 -7.98 40.65
N GLU D 47 31.38 -7.47 40.73
CA GLU D 47 31.96 -6.97 41.97
C GLU D 47 30.95 -5.99 42.58
N ALA D 48 30.56 -5.01 41.76
CA ALA D 48 29.57 -4.01 42.15
C ALA D 48 28.30 -4.72 42.66
N ALA D 49 27.66 -5.51 41.77
CA ALA D 49 26.44 -6.23 42.13
C ALA D 49 26.61 -7.07 43.39
N ARG D 50 27.65 -7.95 43.41
CA ARG D 50 27.84 -8.75 44.64
C ARG D 50 27.86 -7.82 45.84
N ALA D 51 28.73 -6.80 45.78
CA ALA D 51 28.84 -5.82 46.86
C ALA D 51 27.51 -5.21 47.20
N LEU D 52 26.71 -4.97 46.16
CA LEU D 52 25.41 -4.37 46.38
C LEU D 52 24.35 -5.30 46.86
N ALA D 53 24.47 -6.61 46.88
CA ALA D 53 23.39 -7.48 47.32
C ALA D 53 22.09 -7.41 46.52
N CYS D 54 22.25 -7.95 45.29
CA CYS D 54 21.23 -8.05 44.26
C CYS D 54 20.72 -9.49 44.28
N PRO D 55 19.45 -9.66 44.48
CA PRO D 55 18.80 -10.96 44.47
C PRO D 55 19.36 -11.86 43.38
N PRO D 56 19.62 -13.11 43.68
CA PRO D 56 20.16 -14.14 42.79
C PRO D 56 19.20 -14.24 41.58
N GLY D 57 19.85 -14.11 40.42
CA GLY D 57 19.05 -14.10 39.20
C GLY D 57 18.51 -12.69 38.89
N SER D 58 18.67 -11.73 39.81
CA SER D 58 18.23 -10.38 39.49
C SER D 58 19.14 -9.86 38.38
N LEU D 59 20.43 -10.17 38.38
CA LEU D 59 21.41 -9.74 37.41
C LEU D 59 21.90 -10.84 36.49
N GLU D 60 22.05 -10.51 35.22
CA GLU D 60 22.50 -11.40 34.17
C GLU D 60 23.34 -10.59 33.18
N THR D 61 24.37 -11.13 32.58
CA THR D 61 25.12 -10.34 31.63
C THR D 61 25.09 -10.98 30.26
N LEU D 62 25.04 -10.29 29.15
CA LEU D 62 25.03 -10.91 27.82
C LEU D 62 26.16 -10.27 27.04
N GLN D 63 26.58 -10.78 25.91
CA GLN D 63 27.58 -10.11 25.10
C GLN D 63 26.83 -9.43 23.94
N LEU D 64 27.00 -8.13 23.79
CA LEU D 64 26.22 -7.47 22.72
C LEU D 64 27.02 -6.31 22.16
N ASP D 65 27.37 -6.41 20.91
CA ASP D 65 28.11 -5.40 20.16
C ASP D 65 27.07 -4.75 19.23
N VAL D 66 26.72 -3.52 19.66
CA VAL D 66 25.68 -2.80 18.89
C VAL D 66 26.05 -2.55 17.48
N ARG D 67 27.31 -2.59 17.03
CA ARG D 67 27.55 -2.44 15.62
C ARG D 67 27.27 -3.74 14.89
N ASP D 68 26.59 -4.69 15.50
CA ASP D 68 26.32 -5.89 14.73
C ASP D 68 24.97 -6.49 15.02
N SER D 69 24.16 -6.37 13.96
CA SER D 69 22.82 -6.89 13.97
C SER D 69 22.84 -8.37 14.26
N LYS D 70 23.79 -9.21 13.91
CA LYS D 70 23.71 -10.59 14.41
C LYS D 70 23.72 -10.60 15.94
N SER D 71 24.72 -9.98 16.54
CA SER D 71 24.81 -9.94 17.99
C SER D 71 23.56 -9.47 18.71
N VAL D 72 23.04 -8.35 18.25
CA VAL D 72 21.85 -7.74 18.79
C VAL D 72 20.72 -8.74 18.90
N ALA D 73 20.58 -9.49 17.82
CA ALA D 73 19.61 -10.56 17.60
C ALA D 73 19.87 -11.58 18.71
N ALA D 74 21.14 -12.04 18.69
CA ALA D 74 21.58 -12.96 19.73
C ALA D 74 21.09 -12.47 21.08
N ALA D 75 21.59 -11.34 21.58
CA ALA D 75 21.16 -10.81 22.86
C ALA D 75 19.66 -11.00 23.06
N ARG D 76 18.91 -10.39 22.13
CA ARG D 76 17.48 -10.53 22.24
C ARG D 76 17.04 -11.97 22.47
N GLU D 77 17.50 -12.93 21.68
CA GLU D 77 17.12 -14.32 21.91
C GLU D 77 17.67 -14.70 23.27
N ARG D 78 18.82 -14.21 23.78
CA ARG D 78 19.16 -14.72 25.11
C ARG D 78 18.25 -14.30 26.21
N VAL D 79 17.30 -13.41 25.98
CA VAL D 79 16.34 -12.93 26.93
C VAL D 79 15.13 -13.82 27.11
N THR D 80 15.32 -14.93 27.84
CA THR D 80 14.31 -15.93 28.17
C THR D 80 12.99 -15.42 28.69
N GLU D 81 12.91 -14.28 29.39
CA GLU D 81 11.57 -13.83 29.83
C GLU D 81 10.65 -13.63 28.63
N GLY D 82 11.16 -13.17 27.49
CA GLY D 82 10.35 -13.02 26.29
C GLY D 82 9.73 -11.65 26.07
N ARG D 83 9.74 -10.89 27.17
CA ARG D 83 9.27 -9.49 27.07
C ARG D 83 10.62 -8.74 27.29
N VAL D 84 10.67 -7.46 27.34
CA VAL D 84 11.70 -6.50 27.63
C VAL D 84 10.81 -5.27 27.96
N ASP D 85 10.63 -4.97 29.24
CA ASP D 85 9.74 -3.85 29.64
C ASP D 85 10.46 -2.50 29.54
N VAL D 86 11.74 -2.51 29.81
CA VAL D 86 12.65 -1.41 29.76
C VAL D 86 13.90 -1.71 28.92
N LEU D 87 14.00 -0.99 27.81
CA LEU D 87 15.12 -1.05 26.90
C LEU D 87 15.97 0.18 27.26
N VAL D 88 17.19 -0.09 27.70
CA VAL D 88 18.08 1.01 28.01
C VAL D 88 19.23 1.12 27.01
N CYS D 89 19.05 2.06 26.08
CA CYS D 89 20.00 2.41 25.07
C CYS D 89 21.09 3.33 25.53
N ASN D 90 22.21 2.82 26.00
CA ASN D 90 23.24 3.74 26.50
C ASN D 90 24.61 3.30 26.05
N ALA D 91 25.19 3.62 24.91
CA ALA D 91 26.54 3.18 24.55
C ALA D 91 27.17 4.03 23.44
N GLY D 92 27.71 5.15 23.88
CA GLY D 92 28.33 6.15 23.11
C GLY D 92 29.84 5.93 23.19
N LEU D 93 30.46 6.72 22.37
CA LEU D 93 31.83 6.90 22.11
C LEU D 93 31.89 8.41 21.71
N GLY D 94 33.01 8.97 22.11
CA GLY D 94 33.20 10.39 21.69
C GLY D 94 34.29 10.32 20.60
N LEU D 95 34.58 11.43 20.01
CA LEU D 95 35.58 11.66 19.02
C LEU D 95 35.93 13.14 19.19
N LEU D 96 37.17 13.52 19.24
CA LEU D 96 37.44 14.94 19.52
C LEU D 96 38.63 15.49 18.80
N GLY D 97 38.50 16.68 18.23
CA GLY D 97 39.69 17.17 17.51
C GLY D 97 39.24 17.99 16.31
N PRO D 98 40.25 18.46 15.63
CA PRO D 98 40.06 19.24 14.40
C PRO D 98 39.49 18.28 13.35
N LEU D 99 38.31 18.59 12.83
CA LEU D 99 37.50 17.83 11.89
C LEU D 99 38.31 17.30 10.72
N GLU D 100 39.19 18.17 10.23
CA GLU D 100 40.18 17.85 9.22
C GLU D 100 41.31 16.98 9.75
N ALA D 101 41.32 16.59 11.00
CA ALA D 101 42.36 15.75 11.57
C ALA D 101 41.72 14.43 11.99
N LEU D 102 40.40 14.39 11.80
CA LEU D 102 39.71 13.14 12.15
C LEU D 102 39.80 12.15 11.02
N GLY D 103 40.11 10.88 11.30
CA GLY D 103 40.11 9.88 10.24
C GLY D 103 38.80 9.23 9.88
N GLU D 104 38.41 9.16 8.61
CA GLU D 104 37.22 8.49 8.05
C GLU D 104 36.73 7.31 8.91
N ASP D 105 37.66 6.44 9.34
CA ASP D 105 37.32 5.33 10.21
C ASP D 105 36.91 5.89 11.55
N ALA D 106 37.70 6.75 12.17
CA ALA D 106 37.17 7.32 13.43
C ALA D 106 35.71 7.75 13.28
N VAL D 107 35.40 8.59 12.31
CA VAL D 107 34.10 9.14 12.03
C VAL D 107 33.01 8.12 11.77
N ALA D 108 33.34 7.06 11.02
CA ALA D 108 32.24 6.10 10.77
C ALA D 108 32.01 5.24 12.01
N SER D 109 33.02 4.97 12.86
CA SER D 109 32.70 4.24 14.07
C SER D 109 31.76 5.02 14.98
N VAL D 110 32.01 6.28 15.36
CA VAL D 110 31.10 7.01 16.23
C VAL D 110 29.67 6.91 15.73
N LEU D 111 29.44 7.26 14.46
CA LEU D 111 28.10 7.24 13.87
C LEU D 111 27.52 5.85 13.90
N ASP D 112 28.39 4.86 13.67
CA ASP D 112 27.96 3.46 13.77
C ASP D 112 27.66 3.07 15.22
N VAL D 113 28.33 3.58 16.24
CA VAL D 113 28.00 3.11 17.57
C VAL D 113 26.92 3.90 18.28
N ASN D 114 27.12 5.18 18.08
CA ASN D 114 26.22 6.18 18.61
C ASN D 114 24.87 6.16 17.91
N VAL D 115 24.78 6.34 16.59
CA VAL D 115 23.52 6.34 15.91
C VAL D 115 23.02 4.99 15.44
N VAL D 116 23.73 4.37 14.51
CA VAL D 116 23.29 3.11 13.93
C VAL D 116 22.94 2.03 14.92
N GLY D 117 23.73 1.86 15.96
CA GLY D 117 23.65 1.02 17.12
C GLY D 117 22.36 1.20 17.90
N THR D 118 21.85 2.43 18.04
CA THR D 118 20.54 2.63 18.67
C THR D 118 19.47 2.30 17.62
N VAL D 119 19.81 2.53 16.34
CA VAL D 119 18.86 2.14 15.30
C VAL D 119 18.73 0.62 15.41
N ARG D 120 19.82 -0.12 15.33
CA ARG D 120 19.81 -1.56 15.47
C ARG D 120 19.03 -2.15 16.62
N MET D 121 19.29 -1.66 17.82
CA MET D 121 18.64 -2.10 19.04
C MET D 121 17.12 -1.86 18.99
N LEU D 122 16.72 -0.71 18.47
CA LEU D 122 15.34 -0.27 18.42
C LEU D 122 14.48 -1.08 17.45
N GLN D 123 15.07 -1.50 16.30
CA GLN D 123 14.33 -2.35 15.35
C GLN D 123 14.32 -3.79 15.94
N ALA D 124 15.29 -4.11 16.79
CA ALA D 124 15.31 -5.39 17.49
C ALA D 124 14.16 -5.45 18.51
N PHE D 125 13.95 -4.42 19.32
CA PHE D 125 12.94 -4.37 20.33
C PHE D 125 11.70 -3.56 20.19
N LEU D 126 11.49 -2.61 19.26
CA LEU D 126 10.25 -1.83 19.27
C LEU D 126 9.03 -2.61 18.87
N PRO D 127 9.18 -3.43 17.86
CA PRO D 127 8.16 -4.35 17.40
C PRO D 127 7.50 -5.15 18.53
N ASP D 128 8.23 -6.01 19.25
CA ASP D 128 7.49 -6.73 20.30
C ASP D 128 6.74 -5.79 21.19
N MET D 129 7.31 -4.65 21.61
CA MET D 129 6.59 -3.74 22.50
C MET D 129 5.33 -3.22 21.80
N LYS D 130 5.47 -2.79 20.52
CA LYS D 130 4.23 -2.30 19.88
C LYS D 130 3.14 -3.37 20.09
N ARG D 131 3.55 -4.58 19.66
CA ARG D 131 2.64 -5.72 19.81
C ARG D 131 1.93 -5.67 21.16
N ARG D 132 2.72 -5.79 22.24
CA ARG D 132 2.09 -5.80 23.53
C ARG D 132 1.46 -4.48 23.91
N GLY D 133 1.76 -3.35 23.29
CA GLY D 133 1.14 -2.11 23.80
C GLY D 133 1.85 -1.60 25.07
N SER D 134 3.09 -2.00 25.31
CA SER D 134 3.88 -1.58 26.44
C SER D 134 5.39 -1.69 26.29
N GLY D 135 5.97 -0.67 26.92
CA GLY D 135 7.38 -0.52 26.93
C GLY D 135 7.75 0.95 27.22
N ARG D 136 8.96 1.02 27.71
CA ARG D 136 9.71 2.19 28.08
C ARG D 136 11.09 2.04 27.45
N VAL D 137 11.47 2.96 26.61
CA VAL D 137 12.82 2.85 26.03
C VAL D 137 13.48 4.08 26.66
N LEU D 138 14.58 3.90 27.37
CA LEU D 138 15.29 5.04 27.97
C LEU D 138 16.58 5.13 27.19
N VAL D 139 16.94 6.31 26.74
CA VAL D 139 18.13 6.46 25.88
C VAL D 139 19.01 7.58 26.43
N THR D 140 20.30 7.32 26.52
CA THR D 140 21.32 8.16 27.08
C THR D 140 21.74 9.31 26.19
N GLY D 141 21.20 10.51 26.43
CA GLY D 141 21.52 11.70 25.67
C GLY D 141 22.63 12.55 26.28
N SER D 142 23.07 13.57 25.52
CA SER D 142 24.17 14.42 26.05
C SER D 142 23.84 15.87 25.78
N VAL D 143 24.45 16.83 26.45
CA VAL D 143 24.11 18.25 26.20
C VAL D 143 24.53 18.66 24.82
N GLY D 144 25.60 18.01 24.37
CA GLY D 144 26.19 18.12 23.06
C GLY D 144 25.25 17.61 21.98
N GLY D 145 24.20 16.93 22.42
CA GLY D 145 23.17 16.45 21.51
C GLY D 145 22.19 17.62 21.34
N LEU D 146 22.29 18.52 22.32
CA LEU D 146 21.42 19.67 22.30
C LEU D 146 22.07 20.86 21.63
N MET D 147 23.40 20.92 21.78
CA MET D 147 24.13 22.04 21.19
C MET D 147 25.54 21.77 20.72
N GLY D 148 25.91 22.52 19.72
CA GLY D 148 27.21 22.39 19.09
C GLY D 148 28.35 22.64 20.01
N LEU D 149 29.47 22.00 19.83
CA LEU D 149 30.70 22.08 20.58
C LEU D 149 31.93 22.05 19.69
N PRO D 150 32.81 22.99 19.76
CA PRO D 150 34.03 23.05 18.99
C PRO D 150 34.92 21.87 19.32
N PHE D 151 35.47 21.29 18.26
CA PHE D 151 36.41 20.19 18.26
C PHE D 151 35.71 18.90 18.69
N ASN D 152 34.38 18.89 18.53
CA ASN D 152 33.40 17.90 18.80
C ASN D 152 32.26 17.79 17.78
N ASP D 153 32.31 18.25 16.58
CA ASP D 153 31.28 18.18 15.57
C ASP D 153 30.71 16.80 15.34
N VAL D 154 31.56 15.84 15.00
CA VAL D 154 31.16 14.45 14.73
C VAL D 154 30.45 13.84 15.94
N TYR D 155 31.08 14.01 17.11
CA TYR D 155 30.44 13.54 18.31
C TYR D 155 29.07 14.21 18.39
N CYS D 156 29.11 15.54 18.34
CA CYS D 156 27.91 16.35 18.37
C CYS D 156 26.96 15.94 17.27
N ALA D 157 27.41 15.56 16.08
CA ALA D 157 26.54 15.11 14.98
C ALA D 157 25.78 13.87 15.48
N SER D 158 26.58 12.90 15.95
CA SER D 158 26.08 11.65 16.45
C SER D 158 25.03 11.88 17.49
N LYS D 159 25.27 12.76 18.42
CA LYS D 159 24.27 13.05 19.46
C LYS D 159 23.06 13.83 19.03
N PHE D 160 23.09 14.75 18.08
CA PHE D 160 21.95 15.51 17.59
C PHE D 160 21.13 14.54 16.70
N ALA D 161 21.88 13.61 16.13
CA ALA D 161 21.31 12.55 15.33
C ALA D 161 20.39 11.75 16.25
N LEU D 162 20.78 11.50 17.49
CA LEU D 162 20.00 10.71 18.41
C LEU D 162 18.69 11.32 18.83
N GLU D 163 18.67 12.65 18.83
CA GLU D 163 17.49 13.42 19.24
C GLU D 163 16.36 13.17 18.23
N GLY D 164 16.74 13.53 16.99
CA GLY D 164 15.89 13.47 15.82
C GLY D 164 15.18 12.12 15.76
N LEU D 165 16.02 11.11 15.83
CA LEU D 165 15.63 9.72 15.86
C LEU D 165 14.74 9.43 17.07
N CYS D 166 15.19 9.99 18.21
CA CYS D 166 14.39 9.73 19.40
C CYS D 166 13.07 10.42 19.18
N GLU D 167 13.18 11.65 18.77
CA GLU D 167 12.07 12.53 18.48
C GLU D 167 11.08 12.03 17.43
N SER D 168 11.60 11.66 16.26
CA SER D 168 10.75 11.06 15.24
C SER D 168 10.02 9.86 15.85
N LEU D 169 10.67 8.90 16.54
CA LEU D 169 9.91 7.81 17.18
C LEU D 169 8.84 8.25 18.14
N ALA D 170 9.13 9.17 19.07
CA ALA D 170 8.14 9.63 20.05
C ALA D 170 6.79 9.82 19.40
N VAL D 171 6.78 10.60 18.33
CA VAL D 171 5.57 10.95 17.62
C VAL D 171 4.70 9.80 17.17
N LEU D 172 5.29 8.73 16.66
CA LEU D 172 4.55 7.57 16.21
C LEU D 172 4.18 6.59 17.32
N LEU D 173 5.12 6.36 18.23
CA LEU D 173 4.94 5.47 19.35
C LEU D 173 3.85 5.94 20.28
N LEU D 174 3.60 7.26 20.34
CA LEU D 174 2.55 7.82 21.18
C LEU D 174 1.40 6.86 21.40
N PRO D 175 0.60 6.50 20.43
CA PRO D 175 -0.47 5.58 20.45
C PRO D 175 -0.11 4.15 20.75
N PHE D 176 1.11 3.66 20.65
CA PHE D 176 1.21 2.24 20.99
C PHE D 176 1.47 1.95 22.45
N GLY D 177 1.49 2.83 23.42
CA GLY D 177 1.87 2.40 24.77
C GLY D 177 3.37 2.53 25.01
N VAL D 178 4.24 2.45 23.97
CA VAL D 178 5.69 2.56 24.19
C VAL D 178 6.10 3.94 24.59
N HIS D 179 7.13 4.04 25.40
CA HIS D 179 7.53 5.38 25.85
C HIS D 179 9.00 5.66 25.61
N LEU D 180 9.34 6.76 24.93
CA LEU D 180 10.79 6.97 24.66
C LEU D 180 11.32 8.19 25.34
N SER D 181 12.45 8.13 26.04
CA SER D 181 13.01 9.23 26.79
C SER D 181 14.54 9.29 26.86
N LEU D 182 15.06 10.46 26.47
CA LEU D 182 16.48 10.67 26.55
C LEU D 182 16.74 11.40 27.89
N ILE D 183 17.63 10.81 28.65
CA ILE D 183 18.07 11.41 29.92
C ILE D 183 19.30 12.23 29.49
N GLU D 184 19.05 13.52 29.37
CA GLU D 184 20.15 14.40 28.92
C GLU D 184 21.24 14.47 29.97
N CYS D 185 22.49 14.26 29.60
CA CYS D 185 23.57 14.39 30.53
C CYS D 185 24.54 15.55 30.17
N GLY D 186 25.33 15.92 31.19
CA GLY D 186 26.41 16.94 30.97
C GLY D 186 27.66 16.09 31.17
N PRO D 187 28.77 16.66 31.43
CA PRO D 187 29.97 15.89 31.72
C PRO D 187 29.63 14.89 32.82
N VAL D 188 30.29 13.73 32.79
CA VAL D 188 30.01 12.70 33.84
C VAL D 188 31.32 11.97 34.19
N HIS D 189 31.72 11.97 35.47
CA HIS D 189 32.94 11.29 35.90
C HIS D 189 32.86 9.82 35.52
N THR D 190 33.50 9.63 34.35
CA THR D 190 33.55 8.43 33.54
C THR D 190 32.13 8.24 32.89
N GLU D 202 49.39 13.44 13.73
CA GLU D 202 48.00 13.37 13.26
C GLU D 202 47.44 14.78 13.29
N VAL D 203 46.99 15.27 14.45
CA VAL D 203 46.45 16.64 14.48
C VAL D 203 47.52 17.54 13.86
N LEU D 204 48.65 17.61 14.56
CA LEU D 204 49.77 18.46 14.11
C LEU D 204 49.99 18.35 12.60
N ASP D 205 50.11 17.12 12.10
CA ASP D 205 50.25 17.01 10.65
C ASP D 205 48.95 17.41 9.97
N ARG D 206 47.80 16.86 10.44
CA ARG D 206 46.48 17.02 9.87
C ARG D 206 45.85 18.38 9.87
N THR D 207 46.30 19.36 10.66
CA THR D 207 45.57 20.63 10.67
C THR D 207 46.50 21.80 10.60
N ASP D 208 46.11 23.05 10.57
CA ASP D 208 47.01 24.17 10.50
C ASP D 208 47.02 24.97 11.82
N ILE D 209 48.18 25.61 11.94
CA ILE D 209 48.56 26.43 13.08
C ILE D 209 47.42 26.95 13.92
N HIS D 210 46.74 28.02 13.55
CA HIS D 210 45.65 28.56 14.34
C HIS D 210 44.64 27.57 14.80
N THR D 211 44.14 26.69 13.91
CA THR D 211 43.17 25.73 14.39
C THR D 211 43.84 24.94 15.54
N PHE D 212 45.10 24.59 15.29
CA PHE D 212 45.95 23.86 16.21
C PHE D 212 46.06 24.47 17.60
N HIS D 213 46.23 25.78 17.68
CA HIS D 213 46.31 26.41 19.01
C HIS D 213 44.95 26.41 19.69
N ARG D 214 43.95 26.86 18.93
CA ARG D 214 42.58 26.93 19.42
C ARG D 214 42.22 25.58 20.02
N PHE D 215 42.46 24.51 19.31
CA PHE D 215 42.15 23.18 19.83
C PHE D 215 42.65 22.94 21.26
N TYR D 216 43.95 23.22 21.45
CA TYR D 216 44.67 23.08 22.69
C TYR D 216 44.02 23.90 23.78
N GLN D 217 43.75 25.16 23.39
CA GLN D 217 43.10 26.09 24.30
C GLN D 217 41.76 25.52 24.76
N TYR D 218 41.05 24.87 23.82
CA TYR D 218 39.78 24.27 24.09
C TYR D 218 40.08 23.08 25.00
N LEU D 219 41.09 22.32 24.59
CA LEU D 219 41.49 21.13 25.32
C LEU D 219 41.61 21.42 26.81
N ALA D 220 42.55 22.33 27.04
CA ALA D 220 42.80 22.83 28.39
C ALA D 220 41.56 23.29 29.17
N LEU D 221 40.87 24.30 28.66
CA LEU D 221 39.72 24.81 29.37
C LEU D 221 38.74 23.76 29.87
N SER D 222 38.45 22.89 28.89
CA SER D 222 37.51 21.81 29.00
C SER D 222 37.85 20.81 30.07
N LYS D 223 39.04 20.21 30.12
CA LYS D 223 39.31 19.31 31.26
C LYS D 223 38.98 19.99 32.58
N GLN D 224 39.20 21.30 32.71
CA GLN D 224 38.84 22.02 33.92
C GLN D 224 37.34 22.18 34.05
N VAL D 225 36.63 22.57 32.99
CA VAL D 225 35.16 22.71 33.13
C VAL D 225 34.46 21.39 33.36
N PHE D 226 35.01 20.33 32.75
CA PHE D 226 34.47 18.97 32.88
C PHE D 226 34.58 18.59 34.35
N ARG D 227 35.79 18.84 34.89
CA ARG D 227 36.08 18.63 36.29
C ARG D 227 35.15 19.44 37.20
N GLU D 228 34.66 20.62 36.86
CA GLU D 228 33.80 21.27 37.87
C GLU D 228 32.37 20.81 37.61
N ALA D 229 32.10 20.37 36.38
CA ALA D 229 30.74 19.96 36.08
C ALA D 229 30.42 18.50 36.26
N ALA D 230 31.37 17.62 36.02
CA ALA D 230 31.13 16.20 36.03
C ALA D 230 30.35 15.68 37.22
N GLN D 231 29.31 14.86 37.00
CA GLN D 231 28.49 14.29 38.05
C GLN D 231 28.81 12.80 38.25
N ASN D 232 28.03 12.14 39.12
CA ASN D 232 28.29 10.72 39.32
C ASN D 232 27.36 9.87 38.42
N PRO D 233 27.93 8.72 38.10
CA PRO D 233 27.19 7.70 37.34
C PRO D 233 25.89 7.50 38.12
N GLU D 234 26.00 7.34 39.45
CA GLU D 234 24.84 7.18 40.30
C GLU D 234 23.86 8.34 40.20
N GLU D 235 24.36 9.58 40.20
CA GLU D 235 23.37 10.69 40.03
C GLU D 235 22.55 10.44 38.76
N VAL D 236 23.32 10.24 37.68
CA VAL D 236 22.73 9.94 36.39
C VAL D 236 21.77 8.80 36.56
N ALA D 237 22.32 7.66 36.95
CA ALA D 237 21.43 6.51 37.18
C ALA D 237 20.23 6.87 38.02
N GLU D 238 20.34 7.74 39.00
CA GLU D 238 19.15 8.11 39.75
C GLU D 238 18.15 8.82 38.84
N VAL D 239 18.54 9.52 37.78
CA VAL D 239 17.58 10.22 36.90
C VAL D 239 16.88 9.25 35.95
N PHE D 240 17.62 8.30 35.36
CA PHE D 240 16.96 7.30 34.50
C PHE D 240 15.72 6.72 35.18
N LEU D 241 15.94 6.26 36.41
CA LEU D 241 15.01 5.69 37.35
C LEU D 241 13.74 6.53 37.54
N THR D 242 14.01 7.83 37.70
CA THR D 242 12.95 8.80 37.79
C THR D 242 12.19 8.67 36.44
N ALA D 243 12.93 8.85 35.33
CA ALA D 243 12.24 8.68 34.04
C ALA D 243 11.43 7.38 34.11
N LEU D 244 12.22 6.33 34.42
CA LEU D 244 11.72 4.98 34.52
C LEU D 244 10.47 4.81 35.33
N ARG D 245 10.18 5.59 36.35
CA ARG D 245 8.97 5.45 37.14
C ARG D 245 7.85 6.41 36.77
N ALA D 246 8.13 7.46 36.02
CA ALA D 246 7.05 8.37 35.59
C ALA D 246 6.01 7.64 34.76
N PRO D 247 4.77 7.65 35.12
CA PRO D 247 3.71 7.02 34.33
C PRO D 247 3.60 7.80 33.05
N LYS D 248 3.77 9.13 33.03
CA LYS D 248 3.72 9.77 31.66
C LYS D 248 5.05 10.47 31.49
N PRO D 249 6.09 9.70 31.23
CA PRO D 249 7.45 10.20 31.09
C PRO D 249 7.51 11.18 29.94
N THR D 250 8.45 12.11 30.02
CA THR D 250 8.57 13.09 28.92
C THR D 250 9.58 12.71 27.87
N LEU D 251 9.70 13.45 26.76
CA LEU D 251 10.73 13.02 25.80
C LEU D 251 12.13 13.18 26.41
N ARG D 252 12.22 14.20 27.27
CA ARG D 252 13.48 14.52 27.84
C ARG D 252 13.50 14.71 29.34
N TYR D 253 14.65 14.29 29.84
CA TYR D 253 15.02 14.40 31.25
C TYR D 253 16.42 15.01 31.39
N PHE D 254 16.55 15.96 32.34
CA PHE D 254 17.90 16.53 32.50
C PHE D 254 18.50 15.97 33.78
N THR D 255 19.81 15.78 33.73
CA THR D 255 20.61 15.25 34.83
C THR D 255 21.16 16.44 35.65
N THR D 256 20.89 17.63 35.13
CA THR D 256 21.35 18.85 35.76
C THR D 256 20.80 20.12 35.14
N GLU D 257 20.69 21.21 35.91
CA GLU D 257 20.15 22.44 35.31
C GLU D 257 21.29 23.36 34.90
N ARG D 258 22.51 22.83 35.06
CA ARG D 258 23.72 23.52 34.64
C ARG D 258 23.53 24.05 33.22
N PHE D 259 23.15 23.20 32.24
CA PHE D 259 23.02 23.73 30.87
C PHE D 259 21.67 24.25 30.54
N LEU D 260 20.96 24.87 31.51
CA LEU D 260 19.64 25.41 31.19
C LEU D 260 19.64 26.70 30.43
N PRO D 261 20.21 27.78 30.95
CA PRO D 261 20.37 29.07 30.32
C PRO D 261 20.68 28.95 28.83
N LEU D 262 21.91 28.50 28.56
CA LEU D 262 22.34 28.23 27.18
C LEU D 262 21.20 27.52 26.43
N LEU D 263 20.73 26.36 26.98
CA LEU D 263 19.61 25.73 26.25
C LEU D 263 18.63 26.87 25.92
N ARG D 264 18.02 27.48 26.94
CA ARG D 264 17.04 28.57 26.77
C ARG D 264 17.57 29.54 25.72
N MET D 265 18.90 29.80 25.88
CA MET D 265 19.51 30.64 24.86
C MET D 265 19.27 30.14 23.44
N ARG D 266 19.62 28.85 23.25
CA ARG D 266 19.50 28.20 21.97
C ARG D 266 18.12 28.35 21.36
N LEU D 267 17.13 27.91 22.15
CA LEU D 267 15.74 28.00 21.65
C LEU D 267 15.34 29.42 21.36
N ASP D 268 15.85 30.41 22.13
CA ASP D 268 15.43 31.75 21.84
C ASP D 268 15.88 32.26 20.48
N ASP D 269 17.08 32.05 19.96
CA ASP D 269 17.42 32.70 18.69
C ASP D 269 17.52 31.72 17.54
N PRO D 270 16.47 31.53 16.76
CA PRO D 270 16.33 30.61 15.67
C PRO D 270 17.28 30.74 14.51
N SER D 271 17.87 31.92 14.32
CA SER D 271 18.88 32.03 13.26
C SER D 271 20.22 31.41 13.70
N GLY D 272 20.39 31.03 14.98
CA GLY D 272 21.62 30.46 15.48
C GLY D 272 22.70 31.45 15.86
N SER D 273 22.74 32.65 15.31
CA SER D 273 23.77 33.63 15.59
C SER D 273 24.11 33.72 17.08
N ASN D 274 23.17 34.18 17.92
CA ASN D 274 23.40 34.32 19.33
C ASN D 274 24.11 33.16 19.97
N TYR D 275 23.54 31.94 19.80
CA TYR D 275 24.25 30.82 20.41
C TYR D 275 25.69 30.84 19.91
N VAL D 276 25.98 30.83 18.61
CA VAL D 276 27.42 30.84 18.27
C VAL D 276 28.29 31.77 19.05
N THR D 277 27.92 33.06 19.09
CA THR D 277 28.71 34.04 19.82
C THR D 277 28.78 33.59 21.26
N ALA D 278 27.64 33.37 21.86
CA ALA D 278 27.61 32.88 23.23
C ALA D 278 28.65 31.82 23.54
N MET D 279 28.61 30.67 22.87
CA MET D 279 29.49 29.57 23.06
C MET D 279 30.93 29.86 22.72
N HIS D 280 31.22 30.64 21.70
CA HIS D 280 32.59 30.95 21.32
C HIS D 280 33.41 31.66 22.41
N ARG D 281 32.69 32.53 23.11
CA ARG D 281 33.12 33.34 24.23
C ARG D 281 33.37 32.42 25.43
N GLU D 282 32.30 31.72 25.83
CA GLU D 282 32.44 30.73 26.88
C GLU D 282 33.70 29.86 26.82
N VAL D 283 34.20 29.44 25.69
CA VAL D 283 35.28 28.62 25.29
C VAL D 283 36.61 29.32 24.99
N PHE D 284 36.59 30.48 24.34
CA PHE D 284 37.88 31.09 24.08
C PHE D 284 38.03 32.42 24.82
N GLY D 285 37.17 32.77 25.80
CA GLY D 285 37.29 34.06 26.48
C GLY D 285 36.91 35.21 25.57
N ASP D 286 36.90 36.44 26.18
CA ASP D 286 36.49 37.61 25.38
C ASP D 286 37.28 37.79 24.10
S SO4 E . 2.25 -16.18 -23.47
O1 SO4 E . 1.67 -14.82 -23.25
O2 SO4 E . 2.32 -16.88 -22.15
O3 SO4 E . 3.60 -16.09 -24.12
O4 SO4 E . 1.41 -16.94 -24.45
PA NAD F . -4.11 -12.93 -22.21
O1A NAD F . -4.57 -11.55 -21.99
O2A NAD F . -2.71 -13.30 -22.37
O5B NAD F . -4.99 -13.52 -23.46
C5B NAD F . -6.38 -13.04 -23.59
C4B NAD F . -6.66 -12.77 -25.06
O4B NAD F . -8.00 -12.23 -25.29
C3B NAD F . -5.74 -11.71 -25.65
O3B NAD F . -5.63 -11.78 -27.09
C2B NAD F . -6.48 -10.44 -25.23
O2B NAD F . -6.24 -9.51 -26.28
C1B NAD F . -7.94 -10.85 -25.11
N9A NAD F . -8.97 -9.86 -25.38
C8A NAD F . -9.21 -8.80 -24.57
N7A NAD F . -10.13 -8.02 -25.11
C5A NAD F . -10.50 -8.56 -26.25
C6A NAD F . -11.44 -8.19 -27.24
N6A NAD F . -12.18 -7.09 -27.12
N1A NAD F . -11.60 -8.97 -28.33
C2A NAD F . -10.86 -10.07 -28.45
N3A NAD F . -9.97 -10.47 -27.51
C4A NAD F . -9.77 -9.73 -26.43
O3 NAD F . -4.63 -13.76 -20.91
PN NAD F . -4.90 -15.37 -20.74
O1N NAD F . -4.60 -15.99 -22.05
O2N NAD F . -4.43 -15.79 -19.45
O5D NAD F . -6.52 -15.28 -20.70
C5D NAD F . -7.31 -15.75 -21.79
C4D NAD F . -8.60 -16.27 -21.22
O4D NAD F . -8.38 -17.24 -20.20
C3D NAD F . -9.63 -15.30 -20.63
O3D NAD F . -10.94 -15.93 -20.67
C2D NAD F . -9.16 -15.33 -19.17
O2D NAD F . -10.11 -14.76 -18.31
C1D NAD F . -9.06 -16.82 -18.98
N1N NAD F . -8.27 -17.27 -17.83
C2N NAD F . -6.96 -16.80 -17.54
C3N NAD F . -6.25 -17.28 -16.43
C7N NAD F . -4.85 -16.83 -16.03
O7N NAD F . -4.29 -17.20 -15.00
N7N NAD F . -4.21 -16.10 -16.95
C4N NAD F . -6.86 -18.27 -15.65
C5N NAD F . -8.07 -18.89 -16.02
C6N NAD F . -8.81 -18.36 -17.10
S SO4 G . 13.38 18.71 -10.69
O1 SO4 G . 12.94 18.95 -12.11
O2 SO4 G . 13.10 19.93 -9.90
O3 SO4 G . 14.84 18.41 -10.72
O4 SO4 G . 12.67 17.51 -10.13
PA NAD H . -40.65 -6.05 -10.27
O1A NAD H . -40.61 -5.82 -11.76
O2A NAD H . -41.97 -6.27 -9.63
O5B NAD H . -39.93 -4.79 -9.51
C5B NAD H . -40.13 -3.45 -10.01
C4B NAD H . -39.36 -2.34 -9.33
O4B NAD H . -37.99 -2.32 -9.82
C3B NAD H . -39.83 -0.91 -9.66
O3B NAD H . -39.33 0.09 -8.75
C2B NAD H . -39.10 -0.60 -10.99
O2B NAD H . -38.65 0.77 -10.72
C1B NAD H . -37.98 -1.58 -11.04
N9A NAD H . -36.68 -1.21 -11.62
C8A NAD H . -36.24 -1.52 -12.84
N7A NAD H . -35.04 -1.02 -13.05
C5A NAD H . -34.68 -0.38 -11.95
C6A NAD H . -33.54 0.35 -11.57
N6A NAD H . -32.52 0.50 -12.41
N1A NAD H . -33.50 0.89 -10.35
C2A NAD H . -34.51 0.75 -9.49
N3A NAD H . -35.61 0.08 -9.81
C4A NAD H . -35.71 -0.50 -11.03
O3 NAD H . -39.73 -7.31 -9.94
PN NAD H . -39.68 -8.55 -8.92
O1N NAD H . -40.92 -8.64 -8.15
O2N NAD H . -39.08 -9.74 -9.57
O5D NAD H . -38.52 -7.92 -7.92
C5D NAD H . -37.33 -7.52 -8.67
C4D NAD H . -36.19 -8.40 -8.23
O4D NAD H . -36.65 -9.69 -7.80
C3D NAD H . -35.10 -8.70 -9.28
O3D NAD H . -33.84 -9.04 -8.63
C2D NAD H . -35.65 -10.02 -9.85
O2D NAD H . -34.63 -10.61 -10.64
C1D NAD H . -35.79 -10.68 -8.47
N1N NAD H . -36.42 -12.01 -8.46
C2N NAD H . -37.81 -12.14 -8.70
C3N NAD H . -38.39 -13.39 -8.86
C7N NAD H . -39.87 -13.54 -9.21
O7N NAD H . -40.45 -14.58 -9.56
N7N NAD H . -40.59 -12.39 -9.09
C4N NAD H . -37.56 -14.48 -8.64
C5N NAD H . -36.25 -14.36 -8.15
C6N NAD H . -35.64 -13.12 -8.12
S SO4 I . -3.45 -7.28 -27.43
O1 SO4 I . -4.42 -6.64 -28.36
O2 SO4 I . -2.71 -6.24 -26.64
O3 SO4 I . -2.46 -8.12 -28.19
O4 SO4 I . -4.16 -8.17 -26.44
PA NAD J . 17.10 15.30 -5.51
O1A NAD J . 16.36 14.01 -5.63
O2A NAD J . 17.56 16.09 -6.63
O5B NAD J . 18.41 15.07 -4.52
C5B NAD J . 19.55 15.92 -4.72
C4B NAD J . 20.77 15.26 -5.23
O4B NAD J . 21.41 14.42 -4.23
C3B NAD J . 20.91 14.59 -6.56
O3B NAD J . 21.67 15.34 -7.51
C2B NAD J . 21.62 13.31 -6.17
O2B NAD J . 22.34 12.70 -7.17
C1B NAD J . 22.48 13.78 -4.98
N9A NAD J . 23.13 12.62 -4.31
C8A NAD J . 22.51 11.58 -3.76
N7A NAD J . 23.40 10.67 -3.37
C5A NAD J . 24.61 11.14 -3.69
C6A NAD J . 25.92 10.66 -3.53
N6A NAD J . 26.14 9.50 -2.93
N1A NAD J . 26.99 11.37 -3.97
C2A NAD J . 26.77 12.55 -4.55
N3A NAD J . 25.54 13.05 -4.70
C4A NAD J . 24.45 12.39 -4.29
O3 NAD J . 16.16 16.16 -4.54
PN NAD J . 16.38 17.49 -3.70
O1N NAD J . 17.09 18.43 -4.62
O2N NAD J . 15.14 17.79 -3.00
O5D NAD J . 17.49 16.97 -2.60
C5D NAD J . 18.54 17.80 -2.17
C4D NAD J . 18.85 18.15 -0.79
O4D NAD J . 18.01 19.08 -0.14
C3D NAD J . 19.24 17.14 0.29
O3D NAD J . 20.35 17.56 1.10
C2D NAD J . 17.89 17.03 0.98
O2D NAD J . 17.94 16.40 2.21
C1D NAD J . 17.47 18.45 1.05
N1N NAD J . 16.06 18.79 1.35
C2N NAD J . 14.99 18.40 0.50
C3N NAD J . 13.66 18.72 0.80
C7N NAD J . 12.53 18.28 -0.13
O7N NAD J . 11.34 18.42 0.07
N7N NAD J . 12.96 17.81 -1.32
C4N NAD J . 13.41 19.48 1.95
C5N NAD J . 14.46 20.03 2.70
C6N NAD J . 15.78 19.66 2.43
S SO4 K . 21.37 10.74 -10.16
O1 SO4 K . 20.22 11.61 -9.79
O2 SO4 K . 21.89 9.94 -9.00
O3 SO4 K . 22.51 11.59 -10.66
O4 SO4 K . 20.94 9.78 -11.22
PA NAD L . 31.87 4.82 29.13
O1A NAD L . 33.19 5.06 28.45
O2A NAD L . 31.90 4.40 30.55
O5B NAD L . 31.12 3.64 28.32
C5B NAD L . 31.90 2.48 27.90
C4B NAD L . 31.03 1.24 27.87
O4B NAD L . 30.26 1.34 26.65
C3B NAD L . 31.76 -0.08 27.83
O3B NAD L . 31.46 -1.02 28.88
C2B NAD L . 31.25 -0.82 26.59
O2B NAD L . 30.80 -2.05 27.21
C1B NAD L . 30.14 0.05 26.05
N9A NAD L . 30.15 0.08 24.55
C8A NAD L . 30.87 0.85 23.75
N7A NAD L . 30.64 0.54 22.48
C5A NAD L . 29.74 -0.44 22.48
C6A NAD L . 29.10 -1.18 21.47
N6A NAD L . 29.37 -0.94 20.19
N1A NAD L . 28.23 -2.14 21.80
C2A NAD L . 27.95 -2.39 23.08
N3A NAD L . 28.53 -1.72 24.08
C4A NAD L . 29.42 -0.74 23.79
O3 NAD L . 30.99 6.14 29.02
PN NAD L . 29.89 7.06 29.74
O1N NAD L . 29.35 6.24 30.86
O2N NAD L . 30.33 8.43 30.06
O5D NAD L . 28.75 7.24 28.63
C5D NAD L . 28.33 6.22 27.69
C4D NAD L . 26.90 6.63 27.26
O4D NAD L . 26.72 7.93 27.87
C3D NAD L . 26.78 6.95 25.76
O3D NAD L . 25.47 7.36 25.30
C2D NAD L . 27.68 8.23 25.72
O2D NAD L . 27.48 8.71 24.40
C1D NAD L . 26.99 8.94 26.82
N1N NAD L . 27.35 10.17 27.53
C2N NAD L . 28.45 10.25 28.40
C3N NAD L . 28.74 11.45 29.06
C7N NAD L . 29.97 11.58 29.96
O7N NAD L . 30.34 12.61 30.51
N7N NAD L . 30.55 10.40 30.21
C4N NAD L . 27.87 12.53 28.88
C5N NAD L . 26.67 12.41 28.18
C6N NAD L . 26.41 11.24 27.47
#